data_3O8X
#
_entry.id   3O8X
#
_cell.length_a   79.0
_cell.length_b   191.2
_cell.length_c   151.2
_cell.angle_alpha   90.00
_cell.angle_beta   90.00
_cell.angle_gamma   90.00
#
_symmetry.space_group_name_H-M   'C 2 2 21'
#
loop_
_entity.id
_entity.type
_entity.pdbx_description
1 polymer 'Antigen-presenting glycoprotein CD1d1'
2 polymer Beta-2-microglobulin
3 polymer 'Valpha14 chimera (Mouse variable domain, Human T-cell receptor alpha chain C region constant domain)'
4 polymer 'Vbeta8.2 chimera (Mouse variable domain, Human T-cell receptor beta-2 chain C region constant domain)'
5 branched 2-acetamido-2-deoxy-beta-D-glucopyranose-(1-4)-2-acetamido-2-deoxy-beta-D-glucopyranose
6 branched 2-acetamido-2-deoxy-beta-D-glucopyranose-(1-4)-[alpha-L-fucopyranose-(1-6)]2-acetamido-2-deoxy-beta-D-glucopyranose
7 non-polymer '(2S,3R)-3-HYDROXY-2-(TETRADECANOYLAMINO)OCTADECYL ALPHA-D-GALACTOPYRANOSIDURONIC ACID'
8 non-polymer 2-acetamido-2-deoxy-beta-D-glucopyranose
9 water water
#
loop_
_entity_poly.entity_id
_entity_poly.type
_entity_poly.pdbx_seq_one_letter_code
_entity_poly.pdbx_strand_id
1 'polypeptide(L)'
;SEAQQKNYTFRCLQMSSFANRSWSRTDSVVWLGDLQTHRWSNDSATISFTKPWSQGKLSNQQWEKLQHMFQVYRVSFTRD
IQELVKMMSPKEDYPIEIQLSAGCEMYPGNASESFLHVAFQGKYVVRFWGTSWQTVPGAPSWLDLPIKVLNADQGTSATV
QMLLNDTCPLFVRGLLEAGKSDLEKQEKPVAWLSSVPSSAHGHRQLVCHVSGFYPKPVWVMWMRGDQEQQGTHRGDFLPN
ADETWYLQATLDVEAGEEAGLACRVKHSSLGGQDIILYWHHHHHH
;
A
2 'polypeptide(L)'
;IQKTPQIQVYSRHPPENGKPNILNCYVTQFHPPHIEIQMLKNGKKIPKVEMSDMSFSKDWSFYILAHTEFTPTETDTYAC
RVKHASMAEPKTVYWDRDM
;
B
3 'polypeptide(L)'
;MKTQVEQSPQSLVVRQGENCVLQCNYSVTPDNHLRWFKQDTGKGLVSLTVLVDQKDKTSNGRYSATLDKDAKHSTLHITA
TLLDDTATYICVVGDRGSALGRLHFGAGTQLIVIPDIQNPDPAVYQLRDSKSSDKSVCLFTDFDSQTNVSQSKDSDVYIT
DKCVLDMRSMDFKSNSAVAWSNKSDFACANAFNNSIIPEDTFFPSPESS
;
C
4 'polypeptide(L)'
;MEAAVTQSPRNKVAVTGGKVTLSCNQTNNHNNMYWYRQDTGHGLRLIHYSYGAGSTEKGDIPDGYKASRPSQENFSLILE
LATPSQTSVYFCASGDEGYTQYFGPGTRLLVLEDLRNVTPPKVSLFEPSKAEISHTQKATLVCLATGFYPDHVELSWWVN
GKEVHSGVCTDPQPLKEQPALNDSRYSLSSRLRVSATFWQNPRNHFRCQVQFYGLSENDEWTQDRAKPVTQIVSAEAWGR
A
;
D
#
loop_
_chem_comp.id
_chem_comp.type
_chem_comp.name
_chem_comp.formula
FUC L-saccharide, alpha linking alpha-L-fucopyranose 'C6 H12 O5'
GSL non-polymer '(2S,3R)-3-HYDROXY-2-(TETRADECANOYLAMINO)OCTADECYL ALPHA-D-GALACTOPYRANOSIDURONIC ACID' 'C38 H73 N O9'
NAG D-saccharide, beta linking 2-acetamido-2-deoxy-beta-D-glucopyranose 'C8 H15 N O6'
#
# COMPACT_ATOMS: atom_id res chain seq x y z
N ASN A 7 -28.90 25.95 18.38
CA ASN A 7 -27.69 26.37 17.60
C ASN A 7 -26.47 25.47 17.88
N TYR A 8 -26.66 24.16 17.73
CA TYR A 8 -25.75 23.19 18.33
C TYR A 8 -24.59 22.75 17.44
N THR A 9 -23.39 22.68 18.01
CA THR A 9 -22.21 22.21 17.29
C THR A 9 -21.88 20.74 17.59
N PHE A 10 -21.82 19.95 16.53
CA PHE A 10 -21.46 18.54 16.58
C PHE A 10 -19.96 18.39 16.27
N ARG A 11 -19.21 17.81 17.20
CA ARG A 11 -17.76 17.77 17.12
C ARG A 11 -17.14 16.37 17.24
N CYS A 12 -16.39 15.97 16.24
CA CYS A 12 -15.60 14.77 16.34
C CYS A 12 -14.17 15.16 16.64
N LEU A 13 -13.64 14.66 17.74
CA LEU A 13 -12.32 15.05 18.13
C LEU A 13 -11.43 13.84 18.10
N GLN A 14 -10.56 13.79 17.08
CA GLN A 14 -9.59 12.72 16.92
C GLN A 14 -8.22 13.15 17.48
N MET A 15 -7.67 12.34 18.37
CA MET A 15 -6.31 12.56 18.84
C MET A 15 -5.48 11.31 18.61
N SER A 16 -4.41 11.49 17.84
CA SER A 16 -3.52 10.44 17.40
C SER A 16 -2.07 10.71 17.83
N SER A 17 -1.43 9.73 18.46
CA SER A 17 -0.02 9.86 18.87
C SER A 17 0.85 8.91 18.12
N PHE A 18 2.04 9.36 17.75
CA PHE A 18 2.96 8.53 17.03
C PHE A 18 4.29 8.67 17.72
N ALA A 19 4.63 7.68 18.55
CA ALA A 19 5.79 7.79 19.41
C ALA A 19 7.11 7.49 18.72
N ASN A 20 7.09 6.55 17.77
CA ASN A 20 8.28 6.13 17.01
C ASN A 20 7.75 5.47 15.74
N ARG A 21 8.55 4.65 15.07
CA ARG A 21 8.12 4.02 13.82
C ARG A 21 6.93 3.06 14.03
N SER A 22 6.94 2.33 15.13
CA SER A 22 6.04 1.20 15.28
C SER A 22 4.81 1.51 16.12
N TRP A 23 5.01 2.26 17.20
CA TRP A 23 3.98 2.48 18.22
C TRP A 23 3.06 3.60 17.85
N SER A 24 1.77 3.34 17.88
CA SER A 24 0.82 4.38 17.57
C SER A 24 -0.49 4.07 18.27
N ARG A 25 -1.19 5.12 18.68
CA ARG A 25 -2.56 4.95 19.15
C ARG A 25 -3.46 6.11 18.69
N THR A 26 -4.74 5.79 18.46
CA THR A 26 -5.75 6.79 18.06
C THR A 26 -7.02 6.66 18.89
N ASP A 27 -7.47 7.78 19.45
CA ASP A 27 -8.62 7.82 20.35
C ASP A 27 -9.52 8.98 19.92
N SER A 28 -10.84 8.76 19.86
CA SER A 28 -11.76 9.88 19.57
C SER A 28 -12.87 10.04 20.59
N VAL A 29 -13.33 11.28 20.75
CA VAL A 29 -14.62 11.52 21.40
C VAL A 29 -15.46 12.37 20.48
N VAL A 30 -16.77 12.27 20.64
CA VAL A 30 -17.73 13.03 19.85
C VAL A 30 -18.64 13.79 20.81
N TRP A 31 -18.83 15.09 20.55
CA TRP A 31 -19.73 15.94 21.32
C TRP A 31 -20.86 16.52 20.46
N LEU A 32 -22.05 16.61 21.03
CA LEU A 32 -23.09 17.43 20.46
C LEU A 32 -23.36 18.53 21.45
N GLY A 33 -23.01 19.77 21.13
CA GLY A 33 -22.97 20.84 22.14
C GLY A 33 -21.93 20.49 23.18
N ASP A 34 -22.33 20.49 24.45
CA ASP A 34 -21.42 20.08 25.53
C ASP A 34 -21.76 18.69 26.18
N LEU A 35 -22.55 17.87 25.46
CA LEU A 35 -22.87 16.49 25.84
C LEU A 35 -22.13 15.48 24.96
N GLN A 36 -21.51 14.47 25.55
CA GLN A 36 -20.76 13.47 24.78
C GLN A 36 -21.71 12.43 24.19
N THR A 37 -21.54 12.12 22.91
CA THR A 37 -22.42 11.17 22.23
C THR A 37 -21.73 9.87 21.88
N HIS A 38 -20.43 9.90 21.63
CA HIS A 38 -19.67 8.70 21.30
C HIS A 38 -18.29 8.76 21.91
N ARG A 39 -17.62 7.62 21.88
CA ARG A 39 -16.24 7.56 22.25
C ARG A 39 -15.76 6.40 21.45
N TRP A 40 -14.48 6.42 21.11
CA TRP A 40 -13.87 5.35 20.38
C TRP A 40 -12.44 5.29 20.81
N SER A 41 -12.17 4.31 21.66
CA SER A 41 -10.86 4.09 22.24
C SER A 41 -10.04 3.18 21.35
N ASN A 42 -8.75 3.51 21.21
CA ASN A 42 -7.83 2.68 20.43
C ASN A 42 -8.00 1.15 20.65
N ASP A 43 -8.31 0.73 21.88
CA ASP A 43 -8.47 -0.69 22.23
C ASP A 43 -9.73 -1.31 21.66
N SER A 44 -10.77 -0.50 21.48
CA SER A 44 -12.03 -0.96 20.94
C SER A 44 -12.05 -1.04 19.41
N ALA A 45 -12.51 -2.16 18.89
CA ALA A 45 -12.68 -2.34 17.46
C ALA A 45 -13.88 -1.55 16.95
N THR A 46 -14.80 -1.20 17.84
CA THR A 46 -16.03 -0.48 17.45
C THR A 46 -16.21 0.80 18.24
N ILE A 47 -17.06 1.68 17.73
CA ILE A 47 -17.37 2.94 18.37
C ILE A 47 -18.44 2.72 19.42
N SER A 48 -18.32 3.38 20.55
CA SER A 48 -19.29 3.21 21.64
C SER A 48 -20.23 4.38 21.70
N PHE A 49 -21.48 4.09 22.09
CA PHE A 49 -22.49 5.12 22.37
C PHE A 49 -22.35 5.53 23.81
N THR A 50 -22.35 6.84 24.06
CA THR A 50 -22.38 7.31 25.44
C THR A 50 -23.78 7.81 25.81
N LYS A 51 -24.68 7.79 24.83
CA LYS A 51 -26.07 8.21 25.04
C LYS A 51 -26.98 7.18 24.40
N PRO A 52 -28.13 6.89 25.01
CA PRO A 52 -29.05 5.90 24.39
C PRO A 52 -29.44 6.28 22.96
N TRP A 53 -29.52 7.58 22.69
CA TRP A 53 -29.92 8.11 21.39
C TRP A 53 -28.76 8.38 20.42
N SER A 54 -27.57 7.88 20.74
CA SER A 54 -26.38 8.22 19.96
C SER A 54 -26.37 7.75 18.48
N GLN A 55 -27.26 6.80 18.13
CA GLN A 55 -27.42 6.41 16.74
C GLN A 55 -28.22 7.42 15.92
N GLY A 56 -28.81 8.40 16.60
CA GLY A 56 -29.64 9.41 15.92
C GLY A 56 -30.84 8.79 15.26
N LYS A 57 -31.13 9.17 14.01
CA LYS A 57 -32.22 8.53 13.26
C LYS A 57 -31.70 7.62 12.14
N LEU A 58 -30.42 7.24 12.23
CA LEU A 58 -29.84 6.26 11.32
C LEU A 58 -30.37 4.84 11.57
N SER A 59 -30.66 4.12 10.49
CA SER A 59 -31.02 2.71 10.59
C SER A 59 -29.80 1.90 11.00
N ASN A 60 -30.01 0.67 11.43
CA ASN A 60 -28.89 -0.22 11.72
C ASN A 60 -27.99 -0.42 10.50
N GLN A 61 -28.57 -0.59 9.32
CA GLN A 61 -27.72 -0.63 8.13
C GLN A 61 -26.86 0.63 8.01
N GLN A 62 -27.50 1.80 8.08
CA GLN A 62 -26.77 3.05 7.84
C GLN A 62 -25.62 3.22 8.84
N TRP A 63 -25.87 2.88 10.11
CA TRP A 63 -24.83 2.96 11.12
C TRP A 63 -23.67 1.98 10.91
N GLU A 64 -23.98 0.70 10.64
CA GLU A 64 -22.91 -0.28 10.46
C GLU A 64 -22.01 0.19 9.34
N LYS A 65 -22.63 0.69 8.26
CA LYS A 65 -21.88 1.15 7.09
C LYS A 65 -20.99 2.34 7.46
N LEU A 66 -21.49 3.18 8.36
CA LEU A 66 -20.78 4.37 8.76
C LEU A 66 -19.59 4.00 9.65
N GLN A 67 -19.83 3.14 10.65
CA GLN A 67 -18.77 2.60 11.48
C GLN A 67 -17.70 1.90 10.65
N HIS A 68 -18.11 1.04 9.73
CA HIS A 68 -17.13 0.38 8.85
C HIS A 68 -16.25 1.38 8.07
N MET A 69 -16.86 2.40 7.45
CA MET A 69 -16.15 3.53 6.85
C MET A 69 -14.99 3.94 7.76
N PHE A 70 -15.25 4.04 9.06
CA PHE A 70 -14.28 4.51 10.03
C PHE A 70 -13.28 3.47 10.51
N GLN A 71 -13.71 2.22 10.62
CA GLN A 71 -12.81 1.16 11.04
C GLN A 71 -11.62 1.11 10.10
N VAL A 72 -11.92 1.27 8.81
CA VAL A 72 -10.91 1.34 7.76
C VAL A 72 -10.12 2.65 7.75
N TYR A 73 -10.79 3.77 8.00
CA TYR A 73 -10.09 5.04 8.09
C TYR A 73 -9.01 5.01 9.20
N ARG A 74 -9.34 4.43 10.35
CA ARG A 74 -8.43 4.45 11.47
C ARG A 74 -7.08 3.75 11.21
N VAL A 75 -7.18 2.57 10.63
CA VAL A 75 -6.04 1.77 10.23
C VAL A 75 -5.28 2.48 9.11
N SER A 76 -6.02 3.06 8.17
CA SER A 76 -5.44 3.67 6.99
C SER A 76 -4.77 4.99 7.30
N PHE A 77 -5.41 5.79 8.15
CA PHE A 77 -4.86 7.08 8.55
C PHE A 77 -3.49 6.88 9.17
N THR A 78 -3.43 5.87 10.04
CA THR A 78 -2.26 5.56 10.81
C THR A 78 -1.11 5.28 9.87
N ARG A 79 -1.32 4.39 8.91
CA ARG A 79 -0.20 3.98 8.06
C ARG A 79 0.20 5.14 7.14
N ASP A 80 -0.77 5.96 6.72
CA ASP A 80 -0.51 7.10 5.88
C ASP A 80 0.37 8.15 6.58
N ILE A 81 0.10 8.47 7.84
CA ILE A 81 0.93 9.39 8.60
C ILE A 81 2.36 8.84 8.69
N GLN A 82 2.47 7.52 8.89
CA GLN A 82 3.78 6.85 9.08
C GLN A 82 4.57 6.98 7.82
N GLU A 83 3.87 6.92 6.70
CA GLU A 83 4.50 6.88 5.41
C GLU A 83 4.88 8.29 5.03
N LEU A 84 4.07 9.25 5.46
CA LEU A 84 4.43 10.65 5.29
C LEU A 84 5.66 11.03 6.11
N VAL A 85 5.78 10.48 7.32
CA VAL A 85 6.97 10.74 8.12
C VAL A 85 8.18 10.23 7.37
N LYS A 86 8.09 9.01 6.84
CA LYS A 86 9.13 8.52 5.92
C LYS A 86 9.44 9.45 4.75
N MET A 87 8.44 10.19 4.29
CA MET A 87 8.58 11.07 3.13
C MET A 87 9.36 12.36 3.45
N MET A 88 9.15 12.90 4.65
CA MET A 88 9.78 14.16 5.01
C MET A 88 11.16 14.00 5.59
N SER A 89 11.42 12.86 6.21
CA SER A 89 12.56 12.71 7.12
C SER A 89 13.90 12.96 6.42
N PRO A 90 14.91 13.47 7.17
CA PRO A 90 14.89 13.69 8.63
C PRO A 90 14.24 15.01 9.06
N LYS A 91 13.59 15.67 8.08
CA LYS A 91 12.93 16.97 8.25
C LYS A 91 12.06 17.00 9.48
N GLU A 92 11.12 16.06 9.52
CA GLU A 92 10.20 15.91 10.63
C GLU A 92 10.42 14.54 11.26
N ASP A 93 10.22 14.43 12.58
CA ASP A 93 10.33 13.13 13.22
C ASP A 93 9.49 12.94 14.51
N TYR A 94 9.35 11.68 14.91
CA TYR A 94 8.64 11.26 16.12
C TYR A 94 9.30 11.83 17.38
N PRO A 95 8.54 12.06 18.46
CA PRO A 95 7.09 11.88 18.67
C PRO A 95 6.25 12.89 17.90
N ILE A 96 5.08 12.44 17.45
CA ILE A 96 4.19 13.26 16.67
C ILE A 96 2.75 13.16 17.23
N GLU A 97 2.08 14.30 17.30
CA GLU A 97 0.68 14.33 17.66
C GLU A 97 -0.12 15.01 16.57
N ILE A 98 -1.11 14.30 16.05
CA ILE A 98 -2.05 14.87 15.09
C ILE A 98 -3.41 14.88 15.75
N GLN A 99 -4.10 16.00 15.62
CA GLN A 99 -5.43 16.18 16.20
C GLN A 99 -6.32 16.60 15.06
N LEU A 100 -7.52 16.02 14.99
CA LEU A 100 -8.53 16.39 14.02
C LEU A 100 -9.74 16.92 14.75
N SER A 101 -10.33 17.98 14.21
CA SER A 101 -11.63 18.41 14.67
C SER A 101 -12.58 18.63 13.49
N ALA A 102 -13.64 17.85 13.49
CA ALA A 102 -14.51 17.74 12.34
C ALA A 102 -15.94 17.67 12.82
N GLY A 103 -16.85 18.22 12.02
CA GLY A 103 -18.27 18.13 12.25
C GLY A 103 -18.95 19.29 11.57
N CYS A 104 -20.11 19.66 12.07
CA CYS A 104 -20.93 20.69 11.44
C CYS A 104 -21.73 21.44 12.49
N GLU A 105 -21.98 22.71 12.22
CA GLU A 105 -22.81 23.52 13.08
C GLU A 105 -24.15 23.65 12.39
N MET A 106 -25.21 23.37 13.13
CA MET A 106 -26.57 23.43 12.61
C MET A 106 -27.23 24.75 12.95
N TYR A 107 -27.93 25.33 11.99
CA TYR A 107 -28.56 26.65 12.18
C TYR A 107 -30.09 26.65 12.03
N PRO A 108 -30.77 27.77 12.38
CA PRO A 108 -32.23 27.80 12.27
C PRO A 108 -32.72 27.17 10.98
N GLY A 109 -33.52 26.12 11.13
CA GLY A 109 -34.19 25.46 10.00
C GLY A 109 -33.33 24.47 9.22
N ASN A 110 -32.80 24.95 8.10
CA ASN A 110 -32.15 24.07 7.13
C ASN A 110 -30.64 24.24 7.01
N ALA A 111 -30.17 25.49 7.02
CA ALA A 111 -28.74 25.81 6.80
C ALA A 111 -27.80 25.13 7.81
N SER A 112 -26.59 24.83 7.34
CA SER A 112 -25.52 24.32 8.18
C SER A 112 -24.16 24.62 7.56
N GLU A 113 -23.10 24.25 8.28
CA GLU A 113 -21.74 24.57 7.92
C GLU A 113 -20.88 23.43 8.49
N SER A 114 -20.05 22.81 7.66
CA SER A 114 -19.23 21.70 8.11
C SER A 114 -17.78 22.12 8.18
N PHE A 115 -17.00 21.51 9.05
CA PHE A 115 -15.60 21.83 9.08
C PHE A 115 -14.79 20.57 9.28
N LEU A 116 -13.51 20.67 8.99
CA LEU A 116 -12.56 19.59 9.28
C LEU A 116 -11.20 20.23 9.39
N HIS A 117 -10.71 20.29 10.63
CA HIS A 117 -9.53 21.04 10.94
C HIS A 117 -8.48 20.14 11.52
N VAL A 118 -7.23 20.33 11.08
CA VAL A 118 -6.12 19.47 11.54
C VAL A 118 -5.03 20.23 12.25
N ALA A 119 -4.66 19.77 13.45
CA ALA A 119 -3.45 20.25 14.13
C ALA A 119 -2.31 19.22 14.17
N PHE A 120 -1.12 19.72 13.91
CA PHE A 120 0.14 18.96 13.95
C PHE A 120 0.99 19.51 15.08
N GLN A 121 1.43 18.63 15.98
CA GLN A 121 2.17 19.04 17.19
C GLN A 121 1.46 20.17 17.91
N GLY A 122 0.13 20.13 17.92
CA GLY A 122 -0.70 21.07 18.68
C GLY A 122 -0.90 22.43 18.04
N LYS A 123 -0.53 22.53 16.75
CA LYS A 123 -0.67 23.77 16.01
C LYS A 123 -1.61 23.48 14.85
N TYR A 124 -2.59 24.37 14.65
CA TYR A 124 -3.55 24.16 13.56
C TYR A 124 -2.85 24.48 12.22
N VAL A 125 -2.92 23.55 11.26
CA VAL A 125 -2.16 23.71 10.02
C VAL A 125 -2.89 23.36 8.73
N VAL A 126 -3.89 22.49 8.82
CA VAL A 126 -4.52 21.94 7.63
C VAL A 126 -6.02 21.86 7.79
N ARG A 127 -6.73 22.07 6.69
CA ARG A 127 -8.17 21.89 6.70
C ARG A 127 -8.61 21.31 5.38
N PHE A 128 -9.77 20.68 5.42
CA PHE A 128 -10.42 20.29 4.18
C PHE A 128 -11.34 21.41 3.89
N TRP A 129 -11.30 21.88 2.64
CA TRP A 129 -12.12 22.98 2.23
C TRP A 129 -12.46 22.80 0.75
N GLY A 130 -13.74 22.86 0.41
CA GLY A 130 -14.21 22.67 -0.95
C GLY A 130 -14.07 21.21 -1.35
N THR A 131 -13.06 20.92 -2.18
CA THR A 131 -12.84 19.58 -2.72
C THR A 131 -11.47 19.03 -2.40
N SER A 132 -10.69 19.76 -1.62
CA SER A 132 -9.33 19.33 -1.31
C SER A 132 -8.82 19.75 0.10
N TRP A 133 -7.71 19.15 0.49
CA TRP A 133 -6.93 19.60 1.63
C TRP A 133 -6.14 20.86 1.28
N GLN A 134 -6.01 21.78 2.23
CA GLN A 134 -5.18 22.96 2.05
C GLN A 134 -4.50 23.40 3.37
N THR A 135 -3.31 23.99 3.25
CA THR A 135 -2.64 24.48 4.47
C THR A 135 -3.24 25.83 4.81
N VAL A 136 -3.36 26.11 6.08
CA VAL A 136 -3.87 27.41 6.51
C VAL A 136 -2.75 28.45 6.67
N PRO A 137 -3.06 29.69 7.00
CA PRO A 137 -1.93 30.64 7.14
C PRO A 137 -1.04 30.43 8.37
N GLY A 138 0.26 30.63 8.18
CA GLY A 138 1.26 30.39 9.22
C GLY A 138 1.80 28.96 9.19
N ALA A 139 1.25 28.15 8.29
CA ALA A 139 1.62 26.76 8.24
C ALA A 139 2.97 26.69 7.57
N PRO A 140 3.76 25.68 7.90
CA PRO A 140 5.08 25.62 7.30
C PRO A 140 5.00 25.05 5.91
N SER A 141 5.83 25.57 5.02
CA SER A 141 5.81 25.19 3.63
C SER A 141 6.01 23.71 3.40
N TRP A 142 6.73 23.02 4.30
CA TRP A 142 7.07 21.60 4.03
C TRP A 142 5.83 20.74 3.85
N LEU A 143 4.74 21.13 4.51
CA LEU A 143 3.43 20.48 4.37
C LEU A 143 2.87 20.47 2.94
N ASP A 144 3.35 21.37 2.10
CA ASP A 144 2.97 21.35 0.71
C ASP A 144 3.21 19.99 0.03
N LEU A 145 4.12 19.17 0.56
CA LEU A 145 4.31 17.84 -0.03
C LEU A 145 3.25 16.85 0.44
N PRO A 146 3.09 16.68 1.76
CA PRO A 146 1.94 15.93 2.26
C PRO A 146 0.62 16.35 1.63
N ILE A 147 0.37 17.65 1.50
CA ILE A 147 -0.90 18.12 0.90
C ILE A 147 -1.05 17.62 -0.54
N LYS A 148 0.02 17.76 -1.32
CA LYS A 148 -0.05 17.36 -2.69
C LYS A 148 -0.30 15.85 -2.74
N VAL A 149 0.24 15.11 -1.77
CA VAL A 149 0.04 13.69 -1.83
C VAL A 149 -1.38 13.39 -1.40
N LEU A 150 -1.79 13.91 -0.25
CA LEU A 150 -3.18 13.72 0.16
C LEU A 150 -4.18 14.04 -0.94
N ASN A 151 -3.98 15.16 -1.64
CA ASN A 151 -4.91 15.55 -2.73
C ASN A 151 -4.89 14.67 -3.96
N ALA A 152 -3.85 13.87 -4.12
CA ALA A 152 -3.77 12.89 -5.19
C ALA A 152 -4.83 11.80 -5.00
N ASP A 153 -5.20 11.54 -3.74
CA ASP A 153 -6.15 10.48 -3.37
C ASP A 153 -7.58 10.92 -3.64
N GLN A 154 -8.02 10.71 -4.87
CA GLN A 154 -9.31 11.23 -5.33
C GLN A 154 -10.46 10.64 -4.53
N GLY A 155 -10.36 9.35 -4.21
CA GLY A 155 -11.43 8.59 -3.56
C GLY A 155 -11.62 9.04 -2.12
N THR A 156 -10.51 9.40 -1.47
CA THR A 156 -10.57 9.91 -0.11
C THR A 156 -11.23 11.27 -0.10
N SER A 157 -10.93 12.07 -1.11
CA SER A 157 -11.50 13.40 -1.25
C SER A 157 -13.00 13.30 -1.46
N ALA A 158 -13.44 12.49 -2.41
CA ALA A 158 -14.86 12.37 -2.74
C ALA A 158 -15.64 11.97 -1.51
N THR A 159 -15.10 11.03 -0.74
CA THR A 159 -15.75 10.55 0.48
C THR A 159 -15.80 11.68 1.53
N VAL A 160 -14.66 12.32 1.80
CA VAL A 160 -14.67 13.43 2.71
C VAL A 160 -15.74 14.50 2.31
N GLN A 161 -15.78 14.91 1.04
CA GLN A 161 -16.83 15.81 0.61
C GLN A 161 -18.23 15.29 0.97
N MET A 162 -18.46 14.00 0.75
CA MET A 162 -19.77 13.41 1.03
C MET A 162 -20.10 13.45 2.53
N LEU A 163 -19.10 13.15 3.37
CA LEU A 163 -19.30 13.19 4.82
C LEU A 163 -19.52 14.60 5.35
N LEU A 164 -18.71 15.55 4.91
CA LEU A 164 -18.94 16.92 5.31
C LEU A 164 -20.26 17.48 4.75
N ASN A 165 -20.48 17.38 3.43
CA ASN A 165 -21.66 18.05 2.81
C ASN A 165 -23.02 17.42 3.16
N ASP A 166 -23.09 16.10 3.25
CA ASP A 166 -24.34 15.39 3.34
C ASP A 166 -24.48 14.61 4.62
N THR A 167 -23.55 13.72 4.90
CA THR A 167 -23.76 12.75 5.94
C THR A 167 -23.84 13.45 7.29
N CYS A 168 -22.95 14.40 7.50
CA CYS A 168 -22.86 15.05 8.81
C CYS A 168 -24.13 15.85 9.14
N PRO A 169 -24.51 16.83 8.31
CA PRO A 169 -25.75 17.45 8.71
C PRO A 169 -26.93 16.48 8.79
N LEU A 170 -27.01 15.49 7.91
CA LEU A 170 -28.15 14.56 7.93
C LEU A 170 -28.25 13.92 9.31
N PHE A 171 -27.10 13.45 9.77
CA PHE A 171 -26.96 12.72 11.02
C PHE A 171 -27.33 13.54 12.21
N VAL A 172 -26.91 14.80 12.17
CA VAL A 172 -27.06 15.68 13.30
C VAL A 172 -28.51 16.14 13.39
N ARG A 173 -29.11 16.36 12.23
CA ARG A 173 -30.52 16.62 12.16
C ARG A 173 -31.21 15.54 13.00
N GLY A 174 -30.86 14.27 12.77
CA GLY A 174 -31.46 13.14 13.45
C GLY A 174 -31.07 13.00 14.90
N LEU A 175 -29.80 13.28 15.22
CA LEU A 175 -29.37 13.33 16.62
C LEU A 175 -30.20 14.30 17.47
N LEU A 176 -30.37 15.55 16.99
CA LEU A 176 -31.12 16.56 17.74
C LEU A 176 -32.54 16.10 18.01
N GLU A 177 -33.12 15.40 17.06
CA GLU A 177 -34.43 14.82 17.28
C GLU A 177 -34.37 13.75 18.37
N ALA A 178 -33.49 12.75 18.22
CA ALA A 178 -33.44 11.69 19.24
C ALA A 178 -33.10 12.21 20.65
N GLY A 179 -32.22 13.20 20.75
CA GLY A 179 -31.76 13.66 22.04
C GLY A 179 -32.38 14.91 22.62
N LYS A 180 -33.50 15.39 22.07
CA LYS A 180 -34.12 16.64 22.54
C LYS A 180 -34.27 16.66 24.08
N SER A 181 -34.72 15.55 24.61
CA SER A 181 -34.95 15.36 26.03
C SER A 181 -33.69 15.64 26.89
N ASP A 182 -32.56 15.06 26.52
CA ASP A 182 -31.32 15.26 27.27
C ASP A 182 -30.70 16.64 27.00
N LEU A 183 -30.68 17.04 25.73
CA LEU A 183 -30.22 18.36 25.35
C LEU A 183 -30.99 19.49 26.03
N GLU A 184 -32.25 19.26 26.38
CA GLU A 184 -33.07 20.29 26.98
C GLU A 184 -33.26 20.10 28.49
N LYS A 185 -32.52 19.16 29.09
CA LYS A 185 -32.63 18.92 30.54
C LYS A 185 -32.32 20.18 31.34
N GLN A 186 -33.09 20.38 32.41
CA GLN A 186 -32.88 21.47 33.35
C GLN A 186 -32.51 20.88 34.72
N GLU A 187 -31.34 21.26 35.24
CA GLU A 187 -30.89 20.83 36.57
C GLU A 187 -30.53 22.00 37.47
N LYS A 188 -31.15 22.06 38.64
CA LYS A 188 -30.94 23.16 39.56
C LYS A 188 -29.53 23.18 40.13
N PRO A 189 -28.91 24.37 40.22
CA PRO A 189 -27.64 24.49 40.92
C PRO A 189 -27.87 24.52 42.42
N VAL A 190 -26.80 24.35 43.17
CA VAL A 190 -26.84 24.40 44.62
C VAL A 190 -25.66 25.25 45.01
N ALA A 191 -25.89 26.23 45.90
CA ALA A 191 -24.83 27.15 46.27
C ALA A 191 -24.41 26.99 47.71
N TRP A 192 -23.11 27.16 47.95
CA TRP A 192 -22.59 27.33 49.32
C TRP A 192 -21.46 28.37 49.41
N LEU A 193 -21.30 28.95 50.61
CA LEU A 193 -20.30 29.98 50.80
C LEU A 193 -19.12 29.47 51.63
N SER A 194 -17.97 30.13 51.47
CA SER A 194 -16.72 29.86 52.21
C SER A 194 -15.76 31.04 52.01
N SER A 195 -14.73 31.12 52.84
CA SER A 195 -13.80 32.24 52.79
C SER A 195 -12.35 31.82 52.99
N VAL A 196 -11.42 32.61 52.46
CA VAL A 196 -9.98 32.41 52.68
C VAL A 196 -9.21 33.71 52.95
N PRO A 197 -8.04 33.62 53.63
CA PRO A 197 -7.18 34.81 53.89
C PRO A 197 -6.35 35.30 52.67
N SER A 198 -5.73 36.47 52.81
CA SER A 198 -4.94 37.08 51.73
C SER A 198 -3.77 37.92 52.27
N ARG A 204 -8.86 39.78 52.72
CA ARG A 204 -9.46 38.45 52.79
C ARG A 204 -10.50 38.16 51.67
N GLN A 205 -10.86 36.89 51.47
CA GLN A 205 -11.59 36.52 50.23
C GLN A 205 -12.75 35.52 50.33
N LEU A 206 -13.94 35.96 49.93
CA LEU A 206 -15.17 35.17 49.97
C LEU A 206 -15.41 34.40 48.66
N VAL A 207 -16.00 33.22 48.78
CA VAL A 207 -16.23 32.35 47.63
C VAL A 207 -17.69 31.88 47.62
N CYS A 208 -18.29 31.89 46.45
CA CYS A 208 -19.64 31.41 46.32
C CYS A 208 -19.70 30.24 45.35
N HIS A 209 -19.84 29.03 45.88
CA HIS A 209 -19.75 27.83 45.08
C HIS A 209 -21.12 27.48 44.52
N VAL A 210 -21.19 27.32 43.20
CA VAL A 210 -22.46 27.00 42.54
C VAL A 210 -22.25 25.71 41.73
N SER A 211 -22.98 24.65 42.06
CA SER A 211 -22.70 23.35 41.46
C SER A 211 -23.92 22.50 41.16
N GLY A 212 -23.82 21.75 40.05
CA GLY A 212 -24.83 20.81 39.58
C GLY A 212 -25.88 21.39 38.64
N PHE A 213 -25.59 22.51 37.99
CA PHE A 213 -26.57 23.11 37.08
C PHE A 213 -26.37 22.72 35.62
N TYR A 214 -27.49 22.63 34.90
CA TYR A 214 -27.45 22.44 33.47
C TYR A 214 -28.69 23.09 32.85
N PRO A 215 -28.53 23.77 31.70
CA PRO A 215 -27.31 23.96 30.90
C PRO A 215 -26.35 25.00 31.47
N LYS A 216 -25.28 25.27 30.73
CA LYS A 216 -24.14 26.13 31.09
C LYS A 216 -24.47 27.60 31.46
N PRO A 217 -25.25 28.35 30.62
CA PRO A 217 -25.52 29.76 30.97
C PRO A 217 -25.99 29.97 32.42
N VAL A 218 -25.26 30.78 33.18
CA VAL A 218 -25.62 31.08 34.57
C VAL A 218 -25.14 32.47 35.00
N TRP A 219 -25.77 32.98 36.05
CA TRP A 219 -25.42 34.31 36.54
C TRP A 219 -25.07 34.24 38.04
N VAL A 220 -23.91 34.77 38.39
CA VAL A 220 -23.51 34.76 39.79
C VAL A 220 -22.89 36.08 40.10
N MET A 221 -23.51 36.81 41.01
CA MET A 221 -22.93 38.05 41.51
C MET A 221 -23.06 38.02 43.01
N TRP A 222 -22.02 38.51 43.69
CA TRP A 222 -22.16 38.89 45.10
C TRP A 222 -22.91 40.22 45.18
N MET A 223 -23.58 40.47 46.30
CA MET A 223 -24.33 41.72 46.51
C MET A 223 -24.54 42.09 47.97
N ARG A 224 -24.51 43.38 48.26
CA ARG A 224 -24.97 43.94 49.54
C ARG A 224 -26.36 44.51 49.26
N GLY A 225 -27.39 43.71 49.52
CA GLY A 225 -28.76 44.08 49.19
C GLY A 225 -28.97 44.03 47.69
N ASP A 226 -29.37 45.16 47.12
CA ASP A 226 -29.65 45.32 45.69
C ASP A 226 -28.42 45.80 44.92
N GLN A 227 -27.27 45.77 45.55
CA GLN A 227 -26.08 46.40 45.01
C GLN A 227 -25.07 45.36 44.54
N GLU A 228 -25.03 45.15 43.22
CA GLU A 228 -24.06 44.24 42.62
C GLU A 228 -22.66 44.74 42.88
N GLN A 229 -21.79 43.88 43.42
CA GLN A 229 -20.44 44.31 43.71
C GLN A 229 -19.51 44.34 42.49
N GLN A 230 -18.78 45.45 42.35
CA GLN A 230 -17.76 45.67 41.32
C GLN A 230 -16.85 44.46 41.12
N GLY A 231 -16.14 44.11 42.20
CA GLY A 231 -15.01 43.19 42.14
C GLY A 231 -15.33 41.71 42.07
N THR A 232 -16.61 41.35 42.10
CA THR A 232 -17.00 39.95 41.90
C THR A 232 -16.17 39.35 40.77
N HIS A 233 -15.46 38.26 41.05
CA HIS A 233 -14.74 37.56 40.00
C HIS A 233 -15.24 36.13 39.74
N ARG A 234 -15.99 36.04 38.66
CA ARG A 234 -16.36 34.80 37.99
C ARG A 234 -15.12 33.96 37.62
N GLY A 235 -15.02 32.75 38.16
CA GLY A 235 -14.02 31.75 37.70
C GLY A 235 -14.48 31.08 36.41
N ASP A 236 -13.83 29.98 35.99
CA ASP A 236 -14.26 29.28 34.76
C ASP A 236 -15.30 28.22 35.05
N PHE A 237 -16.03 27.83 34.02
CA PHE A 237 -16.91 26.69 34.14
C PHE A 237 -16.10 25.39 34.22
N LEU A 238 -16.22 24.72 35.37
CA LEU A 238 -15.57 23.44 35.60
C LEU A 238 -16.62 22.34 35.49
N PRO A 239 -16.27 21.18 34.92
CA PRO A 239 -17.31 20.17 34.78
C PRO A 239 -17.38 19.24 35.98
N ASN A 240 -18.59 18.76 36.27
CA ASN A 240 -18.82 17.59 37.13
C ASN A 240 -18.90 16.33 36.29
N ALA A 241 -18.70 15.16 36.91
CA ALA A 241 -18.74 13.88 36.19
C ALA A 241 -20.12 13.43 35.73
N ASP A 242 -21.19 14.04 36.21
CA ASP A 242 -22.55 13.63 35.87
C ASP A 242 -23.19 14.57 34.84
N GLU A 243 -22.34 15.29 34.14
CA GLU A 243 -22.72 16.21 33.05
C GLU A 243 -23.50 17.44 33.52
N THR A 244 -23.12 17.96 34.67
CA THR A 244 -23.62 19.25 35.13
C THR A 244 -22.40 20.14 35.31
N TRP A 245 -22.63 21.41 35.59
CA TRP A 245 -21.51 22.34 35.69
C TRP A 245 -21.15 22.84 37.10
N TYR A 246 -19.89 23.22 37.26
CA TYR A 246 -19.43 23.86 38.47
C TYR A 246 -18.78 25.16 38.09
N LEU A 247 -19.08 26.19 38.87
CA LEU A 247 -18.48 27.51 38.71
C LEU A 247 -18.32 28.11 40.11
N GLN A 248 -17.30 28.96 40.31
CA GLN A 248 -17.26 29.79 41.53
C GLN A 248 -17.00 31.27 41.26
N ALA A 249 -17.43 32.12 42.20
CA ALA A 249 -17.22 33.58 42.14
C ALA A 249 -16.67 34.11 43.44
N THR A 250 -15.57 34.85 43.34
CA THR A 250 -14.84 35.37 44.50
C THR A 250 -15.00 36.88 44.65
N LEU A 251 -14.79 37.39 45.86
CA LEU A 251 -14.85 38.82 46.13
C LEU A 251 -13.94 39.26 47.24
N ASP A 252 -13.07 40.23 46.97
CA ASP A 252 -12.27 40.86 48.03
C ASP A 252 -13.10 41.59 49.08
N VAL A 253 -12.63 41.53 50.32
CA VAL A 253 -13.22 42.23 51.47
C VAL A 253 -12.18 42.48 52.56
N GLU A 254 -12.30 43.62 53.23
CA GLU A 254 -11.61 43.82 54.49
C GLU A 254 -12.35 42.96 55.52
N ALA A 255 -11.61 42.28 56.39
CA ALA A 255 -12.23 41.52 57.48
C ALA A 255 -13.11 42.45 58.33
N GLY A 256 -14.31 41.98 58.68
CA GLY A 256 -15.32 42.80 59.36
C GLY A 256 -16.46 43.23 58.45
N GLU A 257 -16.19 43.31 57.16
CA GLU A 257 -17.15 43.77 56.16
C GLU A 257 -18.06 42.68 55.61
N GLU A 258 -17.79 41.43 56.00
CA GLU A 258 -18.56 40.27 55.57
C GLU A 258 -20.04 40.44 55.91
N ALA A 259 -20.32 41.04 57.06
CA ALA A 259 -21.69 41.36 57.49
C ALA A 259 -22.58 41.83 56.34
N GLY A 260 -23.67 41.09 56.11
CA GLY A 260 -24.69 41.51 55.15
C GLY A 260 -24.38 41.28 53.68
N LEU A 261 -23.54 40.31 53.38
CA LEU A 261 -23.27 40.02 51.97
C LEU A 261 -24.00 38.78 51.47
N ALA A 262 -24.56 38.89 50.27
CA ALA A 262 -25.31 37.79 49.71
C ALA A 262 -24.69 37.31 48.40
N CYS A 263 -24.81 36.01 48.16
CA CYS A 263 -24.51 35.49 46.86
C CYS A 263 -25.83 35.23 46.18
N ARG A 264 -25.97 35.74 44.97
CA ARG A 264 -27.20 35.55 44.21
C ARG A 264 -26.93 34.82 42.88
N VAL A 265 -27.77 33.83 42.62
CA VAL A 265 -27.60 32.94 41.49
C VAL A 265 -28.88 32.92 40.69
N LYS A 266 -28.81 33.32 39.43
CA LYS A 266 -29.92 33.16 38.47
C LYS A 266 -29.62 32.02 37.51
N HIS A 267 -30.66 31.26 37.16
CA HIS A 267 -30.51 30.12 36.24
C HIS A 267 -31.83 29.57 35.69
N SER A 268 -31.80 29.13 34.44
CA SER A 268 -32.99 28.61 33.75
C SER A 268 -33.81 27.62 34.58
N SER A 269 -33.12 26.73 35.31
CA SER A 269 -33.74 25.61 36.01
C SER A 269 -34.66 26.03 37.16
N LEU A 270 -34.40 27.22 37.69
CA LEU A 270 -35.03 27.71 38.92
C LEU A 270 -36.36 28.41 38.67
N GLY A 271 -36.70 28.61 37.40
CA GLY A 271 -37.90 29.33 37.01
C GLY A 271 -38.12 30.53 37.89
N GLY A 272 -37.13 31.42 37.95
CA GLY A 272 -37.29 32.72 38.62
C GLY A 272 -37.14 32.83 40.12
N GLN A 273 -36.98 31.70 40.81
CA GLN A 273 -36.65 31.75 42.24
C GLN A 273 -35.13 31.72 42.39
N ASP A 274 -34.51 32.88 42.23
CA ASP A 274 -33.06 33.02 42.43
C ASP A 274 -32.65 32.50 43.79
N ILE A 275 -31.44 31.94 43.84
CA ILE A 275 -30.92 31.49 45.12
C ILE A 275 -30.24 32.67 45.80
N ILE A 276 -30.73 32.97 46.99
CA ILE A 276 -30.10 33.98 47.83
C ILE A 276 -29.43 33.31 49.01
N LEU A 277 -28.11 33.49 49.11
CA LEU A 277 -27.36 33.00 50.25
C LEU A 277 -26.69 34.13 51.01
N TYR A 278 -27.18 34.42 52.21
CA TYR A 278 -26.53 35.42 53.03
C TYR A 278 -25.38 34.78 53.79
N TRP A 279 -24.48 35.62 54.29
CA TRP A 279 -23.40 35.14 55.12
C TRP A 279 -23.75 35.22 56.60
N GLN B 2 5.59 22.45 24.50
CA GLN B 2 5.05 21.96 25.81
C GLN B 2 4.40 23.06 26.65
N LYS B 3 3.21 22.81 27.17
CA LYS B 3 2.61 23.71 28.16
C LYS B 3 2.27 22.97 29.45
N THR B 4 2.57 23.62 30.59
CA THR B 4 2.29 23.12 31.96
C THR B 4 0.80 22.86 32.25
N PRO B 5 0.48 21.80 33.04
CA PRO B 5 -0.91 21.46 33.36
C PRO B 5 -1.51 22.29 34.49
N GLN B 6 -2.75 22.75 34.31
CA GLN B 6 -3.45 23.42 35.40
C GLN B 6 -4.36 22.40 36.09
N ILE B 7 -4.25 22.33 37.42
CA ILE B 7 -4.99 21.36 38.21
C ILE B 7 -5.98 22.12 39.09
N GLN B 8 -7.26 21.74 39.03
CA GLN B 8 -8.27 22.33 39.89
C GLN B 8 -9.04 21.25 40.68
N VAL B 9 -9.00 21.37 42.02
CA VAL B 9 -9.69 20.40 42.90
C VAL B 9 -10.97 20.99 43.53
N TYR B 10 -12.08 20.27 43.38
CA TYR B 10 -13.36 20.72 43.90
C TYR B 10 -14.33 19.56 44.13
N SER B 11 -15.31 19.77 45.01
CA SER B 11 -16.30 18.75 45.34
C SER B 11 -17.61 18.96 44.60
N ARG B 12 -18.33 17.88 44.34
CA ARG B 12 -19.59 17.90 43.59
C ARG B 12 -20.77 18.51 44.38
N HIS B 13 -20.72 18.31 45.71
CA HIS B 13 -21.79 18.74 46.59
C HIS B 13 -21.18 19.58 47.71
N PRO B 14 -22.01 20.38 48.41
CA PRO B 14 -21.52 21.10 49.56
C PRO B 14 -20.90 20.17 50.62
N PRO B 15 -19.60 20.35 50.88
CA PRO B 15 -18.82 19.46 51.74
C PRO B 15 -19.28 19.59 53.15
N GLU B 16 -19.48 18.46 53.82
CA GLU B 16 -19.70 18.51 55.24
C GLU B 16 -19.27 17.23 55.93
N ASN B 17 -18.47 17.38 56.98
CA ASN B 17 -17.86 16.27 57.66
C ASN B 17 -18.77 15.05 57.88
N GLY B 18 -18.24 13.86 57.54
CA GLY B 18 -18.94 12.59 57.76
C GLY B 18 -19.93 12.20 56.68
N LYS B 19 -20.11 13.07 55.69
CA LYS B 19 -21.14 12.86 54.66
C LYS B 19 -20.54 12.51 53.28
N PRO B 20 -20.77 11.26 52.81
CA PRO B 20 -20.35 10.80 51.46
C PRO B 20 -20.58 11.84 50.37
N ASN B 21 -19.61 11.98 49.48
CA ASN B 21 -19.61 13.05 48.45
C ASN B 21 -18.77 12.56 47.25
N ILE B 22 -18.55 13.41 46.27
CA ILE B 22 -17.63 13.10 45.18
C ILE B 22 -16.63 14.24 45.05
N LEU B 23 -15.37 13.87 44.84
CA LEU B 23 -14.28 14.83 44.67
C LEU B 23 -13.75 14.79 43.22
N ASN B 24 -13.57 15.98 42.63
CA ASN B 24 -13.09 16.15 41.27
C ASN B 24 -11.71 16.77 41.17
N CYS B 25 -10.95 16.27 40.22
CA CYS B 25 -9.70 16.85 39.87
C CYS B 25 -9.76 17.16 38.38
N TYR B 26 -9.73 18.44 38.03
CA TYR B 26 -9.90 18.81 36.64
C TYR B 26 -8.55 19.30 36.11
N VAL B 27 -7.96 18.50 35.23
CA VAL B 27 -6.62 18.77 34.69
C VAL B 27 -6.70 19.26 33.22
N THR B 28 -6.11 20.41 32.94
CA THR B 28 -6.33 21.07 31.66
C THR B 28 -5.05 21.74 31.20
N GLN B 29 -5.13 22.29 29.98
CA GLN B 29 -4.05 23.11 29.42
C GLN B 29 -2.72 22.36 29.22
N PHE B 30 -2.76 21.06 28.94
CA PHE B 30 -1.49 20.35 28.71
C PHE B 30 -1.28 19.80 27.28
N HIS B 31 -0.02 19.80 26.86
N HIS B 31 -0.04 19.89 26.83
CA HIS B 31 0.45 19.22 25.61
CA HIS B 31 0.41 19.12 25.68
C HIS B 31 1.89 18.75 25.91
C HIS B 31 1.88 18.75 25.89
N PRO B 32 2.25 17.49 25.55
CA PRO B 32 1.43 16.47 24.87
C PRO B 32 0.35 15.87 25.76
N PRO B 33 -0.50 14.95 25.20
CA PRO B 33 -1.59 14.30 25.95
C PRO B 33 -1.17 13.23 26.96
N HIS B 34 -0.02 12.57 26.80
CA HIS B 34 0.41 11.56 27.79
C HIS B 34 0.58 12.14 29.21
N ILE B 35 -0.27 11.70 30.13
CA ILE B 35 -0.29 12.19 31.52
C ILE B 35 -0.54 11.11 32.61
N GLU B 36 -0.22 11.43 33.85
CA GLU B 36 -0.49 10.53 34.95
C GLU B 36 -1.15 11.29 36.12
N ILE B 37 -2.38 10.88 36.45
CA ILE B 37 -3.18 11.54 37.46
C ILE B 37 -3.47 10.58 38.60
N GLN B 38 -3.23 11.05 39.82
CA GLN B 38 -3.53 10.30 41.00
C GLN B 38 -4.36 11.17 41.91
N MET B 39 -5.20 10.56 42.72
CA MET B 39 -5.96 11.29 43.72
C MET B 39 -5.61 10.70 45.06
N LEU B 40 -5.25 11.56 46.01
CA LEU B 40 -4.63 11.09 47.22
C LEU B 40 -5.44 11.42 48.44
N LYS B 41 -5.47 10.48 49.38
CA LYS B 41 -6.00 10.72 50.68
C LYS B 41 -4.83 10.53 51.63
N ASN B 42 -4.51 11.56 52.40
CA ASN B 42 -3.45 11.51 53.41
C ASN B 42 -2.13 11.01 52.86
N GLY B 43 -1.91 11.25 51.56
CA GLY B 43 -0.67 10.88 50.91
C GLY B 43 -0.71 9.58 50.14
N LYS B 44 -1.76 8.78 50.33
CA LYS B 44 -1.90 7.46 49.70
C LYS B 44 -2.88 7.46 48.52
N LYS B 45 -2.53 6.78 47.42
CA LYS B 45 -3.40 6.69 46.25
C LYS B 45 -4.78 6.10 46.56
N ILE B 46 -5.83 6.80 46.14
CA ILE B 46 -7.20 6.32 46.29
C ILE B 46 -7.47 5.28 45.21
N PRO B 47 -8.06 4.12 45.59
CA PRO B 47 -8.16 2.99 44.65
C PRO B 47 -9.20 3.09 43.52
N LYS B 48 -10.44 3.45 43.82
CA LYS B 48 -11.45 3.58 42.75
C LYS B 48 -11.52 5.00 42.20
N VAL B 49 -10.72 5.31 41.18
CA VAL B 49 -10.75 6.63 40.57
C VAL B 49 -11.20 6.47 39.15
N GLU B 50 -12.28 7.13 38.79
CA GLU B 50 -12.77 7.11 37.42
C GLU B 50 -12.14 8.26 36.63
N MET B 51 -11.99 8.03 35.34
CA MET B 51 -11.48 9.04 34.40
C MET B 51 -12.49 9.27 33.28
N SER B 52 -12.66 10.53 32.89
CA SER B 52 -13.37 10.79 31.68
C SER B 52 -12.45 10.44 30.52
N ASP B 53 -13.02 10.23 29.36
CA ASP B 53 -12.25 10.17 28.15
C ASP B 53 -11.45 11.43 28.01
N MET B 54 -10.21 11.33 27.60
CA MET B 54 -9.46 12.55 27.33
C MET B 54 -10.11 13.28 26.14
N SER B 55 -10.09 14.59 26.20
CA SER B 55 -10.58 15.44 25.13
C SER B 55 -9.65 16.66 24.96
N PHE B 56 -10.03 17.56 24.05
CA PHE B 56 -9.27 18.80 23.90
C PHE B 56 -10.21 19.91 23.55
N SER B 57 -9.79 21.17 23.80
CA SER B 57 -10.61 22.39 23.52
C SER B 57 -10.36 23.00 22.14
N LYS B 58 -10.93 24.18 21.90
CA LYS B 58 -10.78 24.85 20.62
C LYS B 58 -9.35 25.39 20.43
N ASP B 59 -8.61 25.54 21.53
CA ASP B 59 -7.21 25.93 21.45
C ASP B 59 -6.27 24.72 21.32
N TRP B 60 -6.85 23.54 21.13
CA TRP B 60 -6.13 22.29 20.90
C TRP B 60 -5.42 21.76 22.13
N SER B 61 -5.60 22.40 23.27
CA SER B 61 -5.01 21.87 24.48
C SER B 61 -5.90 20.81 25.07
N PHE B 62 -5.28 19.85 25.76
CA PHE B 62 -5.99 18.72 26.33
C PHE B 62 -6.64 18.99 27.69
N TYR B 63 -7.64 18.18 28.03
CA TYR B 63 -8.21 18.17 29.38
C TYR B 63 -8.80 16.81 29.72
N ILE B 64 -8.89 16.53 31.01
CA ILE B 64 -9.48 15.29 31.52
C ILE B 64 -9.98 15.48 32.96
N LEU B 65 -11.10 14.83 33.27
CA LEU B 65 -11.70 14.95 34.58
C LEU B 65 -11.63 13.63 35.36
N ALA B 66 -10.96 13.68 36.51
CA ALA B 66 -10.93 12.55 37.41
C ALA B 66 -11.88 12.82 38.56
N HIS B 67 -12.55 11.77 39.03
CA HIS B 67 -13.36 11.87 40.23
C HIS B 67 -13.29 10.59 41.03
N THR B 68 -13.47 10.72 42.34
CA THR B 68 -13.55 9.59 43.26
C THR B 68 -14.58 9.94 44.34
N GLU B 69 -15.20 8.92 44.91
CA GLU B 69 -16.09 9.10 46.07
C GLU B 69 -15.20 9.39 47.26
N PHE B 70 -15.61 10.32 48.10
CA PHE B 70 -14.84 10.65 49.28
C PHE B 70 -15.76 11.16 50.36
N THR B 71 -15.35 10.93 51.61
CA THR B 71 -16.00 11.50 52.77
C THR B 71 -15.08 12.55 53.43
N PRO B 72 -15.52 13.83 53.49
CA PRO B 72 -14.75 14.85 54.21
C PRO B 72 -14.78 14.65 55.74
N THR B 73 -13.61 14.69 56.36
CA THR B 73 -13.57 14.75 57.81
C THR B 73 -12.75 15.97 58.20
N GLU B 74 -12.62 16.21 59.49
CA GLU B 74 -11.79 17.30 59.93
C GLU B 74 -10.31 17.11 59.59
N THR B 75 -9.81 15.88 59.77
CA THR B 75 -8.37 15.60 59.73
C THR B 75 -7.81 15.04 58.42
N ASP B 76 -8.68 14.46 57.56
CA ASP B 76 -8.22 13.79 56.33
C ASP B 76 -7.96 14.80 55.22
N THR B 77 -6.76 14.79 54.67
CA THR B 77 -6.44 15.67 53.53
C THR B 77 -6.52 14.95 52.18
N TYR B 78 -7.04 15.69 51.19
CA TYR B 78 -7.22 15.17 49.84
C TYR B 78 -6.43 15.99 48.86
N ALA B 79 -5.81 15.33 47.88
CA ALA B 79 -4.94 16.00 46.95
C ALA B 79 -5.02 15.35 45.62
N CYS B 80 -4.64 16.07 44.57
CA CYS B 80 -4.52 15.50 43.23
C CYS B 80 -3.10 15.69 42.71
N ARG B 81 -2.42 14.59 42.40
CA ARG B 81 -1.01 14.58 41.97
C ARG B 81 -0.86 14.29 40.49
N VAL B 82 -0.18 15.18 39.78
CA VAL B 82 -0.02 15.11 38.32
C VAL B 82 1.43 15.08 37.85
N LYS B 83 1.77 14.05 37.07
CA LYS B 83 3.08 13.99 36.42
C LYS B 83 2.92 14.17 34.89
N HIS B 84 3.81 14.98 34.32
CA HIS B 84 3.80 15.30 32.91
C HIS B 84 5.25 15.46 32.39
N ALA B 85 5.41 15.56 31.07
CA ALA B 85 6.75 15.76 30.49
C ALA B 85 7.24 17.19 30.78
N SER B 86 6.28 18.12 30.77
CA SER B 86 6.52 19.54 30.94
C SER B 86 6.99 19.95 32.33
N MET B 87 7.13 18.98 33.23
CA MET B 87 7.47 19.27 34.64
C MET B 87 8.60 18.41 35.15
N ALA B 88 9.59 19.04 35.77
CA ALA B 88 10.67 18.32 36.42
C ALA B 88 10.06 17.36 37.43
N GLU B 89 9.59 17.88 38.56
CA GLU B 89 8.85 17.03 39.50
C GLU B 89 7.32 17.16 39.37
N PRO B 90 6.57 16.18 39.91
CA PRO B 90 5.12 16.26 39.81
C PRO B 90 4.49 17.30 40.75
N LYS B 91 3.29 17.73 40.36
CA LYS B 91 2.58 18.86 40.96
C LYS B 91 1.42 18.33 41.78
N THR B 92 1.38 18.73 43.03
CA THR B 92 0.33 18.30 43.96
C THR B 92 -0.54 19.49 44.38
N VAL B 93 -1.82 19.43 44.04
CA VAL B 93 -2.77 20.44 44.47
C VAL B 93 -3.68 19.80 45.50
N TYR B 94 -3.72 20.41 46.68
CA TYR B 94 -4.56 19.95 47.77
C TYR B 94 -5.96 20.52 47.68
N TRP B 95 -6.94 19.69 48.06
CA TRP B 95 -8.29 20.17 48.31
C TRP B 95 -8.31 21.10 49.51
N ASP B 96 -8.90 22.27 49.30
CA ASP B 96 -9.21 23.20 50.36
C ASP B 96 -10.62 23.70 50.08
N ARG B 97 -11.56 23.36 50.98
CA ARG B 97 -12.98 23.75 50.87
C ARG B 97 -13.22 25.20 50.38
N THR C 3 -1.05 -13.37 1.39
CA THR C 3 -1.81 -14.03 0.26
C THR C 3 -3.27 -13.56 0.25
N GLN C 4 -3.42 -12.28 -0.09
CA GLN C 4 -4.69 -11.58 -0.08
C GLN C 4 -5.30 -11.43 -1.48
N VAL C 5 -4.53 -11.82 -2.49
CA VAL C 5 -4.99 -11.79 -3.86
C VAL C 5 -4.88 -13.19 -4.45
N GLU C 6 -6.00 -13.90 -4.57
CA GLU C 6 -6.06 -15.20 -5.26
C GLU C 6 -6.59 -15.15 -6.72
N GLN C 7 -5.88 -15.82 -7.63
CA GLN C 7 -6.31 -15.91 -9.01
C GLN C 7 -6.71 -17.32 -9.38
N SER C 8 -7.69 -17.42 -10.26
CA SER C 8 -8.10 -18.70 -10.81
C SER C 8 -8.49 -18.52 -12.28
N PRO C 9 -8.35 -19.57 -13.09
CA PRO C 9 -7.63 -20.78 -12.69
C PRO C 9 -6.14 -20.49 -12.67
N GLN C 10 -5.36 -21.44 -12.16
CA GLN C 10 -3.94 -21.25 -12.08
C GLN C 10 -3.30 -21.34 -13.46
N SER C 11 -3.79 -22.26 -14.29
CA SER C 11 -3.40 -22.31 -15.70
C SER C 11 -4.49 -22.90 -16.57
N LEU C 12 -4.60 -22.43 -17.81
CA LEU C 12 -5.57 -22.97 -18.76
C LEU C 12 -5.02 -23.10 -20.20
N VAL C 13 -5.54 -24.06 -20.94
CA VAL C 13 -5.16 -24.23 -22.32
C VAL C 13 -6.38 -24.03 -23.25
N VAL C 14 -6.33 -23.05 -24.14
CA VAL C 14 -7.44 -22.87 -25.10
C VAL C 14 -7.03 -22.93 -26.57
N ARG C 15 -7.97 -23.29 -27.41
CA ARG C 15 -7.75 -23.28 -28.85
C ARG C 15 -7.87 -21.86 -29.37
N GLN C 16 -7.00 -21.46 -30.30
CA GLN C 16 -7.13 -20.15 -30.92
C GLN C 16 -8.56 -19.85 -31.39
N GLY C 17 -9.08 -18.68 -31.02
CA GLY C 17 -10.40 -18.24 -31.48
C GLY C 17 -11.41 -18.31 -30.36
N GLU C 18 -11.05 -19.04 -29.29
CA GLU C 18 -12.03 -19.30 -28.24
C GLU C 18 -11.92 -18.12 -27.29
N ASN C 19 -12.97 -17.90 -26.51
CA ASN C 19 -12.89 -16.91 -25.44
C ASN C 19 -12.41 -17.54 -24.15
N CYS C 20 -11.96 -16.72 -23.21
CA CYS C 20 -11.79 -17.21 -21.86
C CYS C 20 -12.00 -16.10 -20.86
N VAL C 21 -12.25 -16.51 -19.62
CA VAL C 21 -12.49 -15.61 -18.50
C VAL C 21 -11.46 -15.97 -17.44
N LEU C 22 -10.78 -14.98 -16.90
CA LEU C 22 -9.86 -15.21 -15.78
C LEU C 22 -10.43 -14.55 -14.55
N GLN C 23 -10.30 -15.17 -13.38
CA GLN C 23 -10.89 -14.58 -12.16
C GLN C 23 -9.81 -14.13 -11.17
N CYS C 24 -10.18 -13.13 -10.38
CA CYS C 24 -9.36 -12.63 -9.28
C CYS C 24 -10.22 -12.39 -8.08
N ASN C 25 -9.77 -12.89 -6.93
CA ASN C 25 -10.50 -12.70 -5.70
C ASN C 25 -9.58 -12.21 -4.62
N TYR C 26 -10.01 -11.17 -3.92
CA TYR C 26 -9.12 -10.53 -2.96
C TYR C 26 -9.72 -10.27 -1.58
N SER C 27 -8.85 -10.04 -0.61
CA SER C 27 -9.30 -9.58 0.71
C SER C 27 -8.55 -8.29 1.16
N VAL C 28 -7.76 -7.72 0.26
CA VAL C 28 -7.08 -6.44 0.51
C VAL C 28 -8.08 -5.42 0.97
N THR C 29 -7.69 -4.61 1.97
CA THR C 29 -8.42 -3.41 2.45
C THR C 29 -7.48 -2.23 2.76
N PRO C 30 -7.80 -1.04 2.26
CA PRO C 30 -8.92 -0.80 1.37
C PRO C 30 -8.57 -1.27 -0.03
N ASP C 31 -9.56 -1.26 -0.92
CA ASP C 31 -9.36 -1.58 -2.32
C ASP C 31 -9.63 -0.34 -3.13
N ASN C 32 -8.59 0.45 -3.32
CA ASN C 32 -8.74 1.62 -4.15
C ASN C 32 -8.98 1.22 -5.60
N HIS C 33 -8.07 0.46 -6.19
CA HIS C 33 -8.22 0.10 -7.58
C HIS C 33 -7.66 -1.28 -7.86
N LEU C 34 -8.01 -1.85 -9.01
CA LEU C 34 -7.50 -3.15 -9.48
C LEU C 34 -6.95 -3.05 -10.90
N ARG C 35 -5.79 -3.65 -11.11
CA ARG C 35 -5.11 -3.53 -12.37
C ARG C 35 -4.84 -4.92 -12.98
N TRP C 36 -5.10 -5.12 -14.27
CA TRP C 36 -4.64 -6.36 -14.90
C TRP C 36 -3.35 -6.17 -15.73
N PHE C 37 -2.33 -6.92 -15.40
CA PHE C 37 -1.13 -6.92 -16.20
C PHE C 37 -1.11 -8.14 -17.10
N LYS C 38 -0.45 -8.00 -18.26
CA LYS C 38 -0.07 -9.11 -19.13
C LYS C 38 1.45 -9.21 -19.10
N GLN C 39 1.98 -10.40 -18.83
CA GLN C 39 3.42 -10.63 -18.80
C GLN C 39 3.78 -11.81 -19.73
N ASP C 40 4.50 -11.54 -20.83
CA ASP C 40 4.96 -12.60 -21.74
C ASP C 40 6.10 -13.31 -21.05
N THR C 41 6.24 -14.60 -21.33
CA THR C 41 7.34 -15.40 -20.79
C THR C 41 8.66 -14.65 -20.97
N GLY C 42 9.40 -14.51 -19.87
CA GLY C 42 10.66 -13.78 -19.85
C GLY C 42 10.60 -12.28 -20.17
N LYS C 43 9.57 -11.56 -19.72
CA LYS C 43 9.49 -10.15 -20.08
C LYS C 43 8.95 -9.29 -18.94
N GLY C 44 8.44 -8.11 -19.30
CA GLY C 44 7.91 -7.20 -18.31
C GLY C 44 6.40 -7.19 -18.18
N LEU C 45 5.92 -6.27 -17.37
CA LEU C 45 4.52 -6.23 -17.05
C LEU C 45 3.85 -5.21 -17.92
N VAL C 46 3.00 -5.63 -18.86
CA VAL C 46 2.18 -4.67 -19.61
C VAL C 46 0.77 -4.52 -19.01
N SER C 47 0.38 -3.29 -18.72
CA SER C 47 -0.94 -2.99 -18.18
C SER C 47 -2.08 -3.05 -19.22
N LEU C 48 -3.09 -3.87 -18.95
CA LEU C 48 -4.21 -4.00 -19.88
C LEU C 48 -5.33 -3.04 -19.54
N THR C 49 -5.60 -2.93 -18.25
CA THR C 49 -6.72 -2.16 -17.74
C THR C 49 -6.63 -1.91 -16.23
N VAL C 50 -7.22 -0.81 -15.79
CA VAL C 50 -7.35 -0.56 -14.39
C VAL C 50 -8.80 -0.14 -14.08
N LEU C 51 -9.40 -0.85 -13.12
CA LEU C 51 -10.77 -0.63 -12.71
C LEU C 51 -10.77 0.11 -11.38
N VAL C 52 -11.58 1.15 -11.26
CA VAL C 52 -11.53 1.99 -10.07
C VAL C 52 -12.88 2.21 -9.32
N ASP C 53 -14.00 1.88 -9.95
CA ASP C 53 -15.27 2.18 -9.34
C ASP C 53 -15.86 0.98 -8.62
N GLN C 54 -16.79 1.26 -7.71
CA GLN C 54 -17.39 0.23 -6.89
C GLN C 54 -17.89 -0.96 -7.72
N LYS C 55 -18.74 -0.68 -8.70
CA LYS C 55 -19.09 -1.64 -9.74
C LYS C 55 -18.54 -1.02 -11.00
N ASP C 56 -17.60 -1.68 -11.64
CA ASP C 56 -16.88 -1.06 -12.74
C ASP C 56 -16.72 -2.06 -13.88
N LYS C 57 -16.67 -1.54 -15.09
CA LYS C 57 -16.46 -2.33 -16.32
C LYS C 57 -15.50 -1.59 -17.24
N THR C 58 -14.54 -2.29 -17.82
CA THR C 58 -13.60 -1.63 -18.76
C THR C 58 -13.34 -2.55 -19.94
N SER C 59 -12.67 -2.02 -20.97
CA SER C 59 -12.34 -2.77 -22.18
C SER C 59 -11.14 -2.18 -22.90
N ASN C 60 -10.44 -2.99 -23.66
CA ASN C 60 -9.21 -2.58 -24.34
C ASN C 60 -8.99 -3.60 -25.44
N GLY C 61 -9.67 -3.37 -26.57
CA GLY C 61 -9.56 -4.27 -27.71
C GLY C 61 -10.29 -5.56 -27.43
N ARG C 62 -9.59 -6.68 -27.54
CA ARG C 62 -10.18 -7.98 -27.25
C ARG C 62 -10.25 -8.29 -25.72
N TYR C 63 -9.74 -7.39 -24.89
CA TYR C 63 -9.80 -7.52 -23.43
C TYR C 63 -10.98 -6.74 -22.86
N SER C 64 -11.74 -7.33 -21.95
CA SER C 64 -12.67 -6.57 -21.12
C SER C 64 -12.59 -7.12 -19.70
N ALA C 65 -13.07 -6.34 -18.74
CA ALA C 65 -12.88 -6.67 -17.35
C ALA C 65 -14.04 -6.12 -16.52
N THR C 66 -14.23 -6.67 -15.33
CA THR C 66 -15.25 -6.19 -14.39
C THR C 66 -14.66 -6.12 -12.98
N LEU C 67 -15.23 -5.26 -12.15
CA LEU C 67 -14.81 -5.24 -10.77
C LEU C 67 -16.04 -5.01 -9.97
N ASP C 68 -16.25 -5.84 -8.96
CA ASP C 68 -17.29 -5.59 -7.96
C ASP C 68 -16.60 -5.49 -6.63
N LYS C 69 -16.52 -4.27 -6.12
CA LYS C 69 -15.91 -4.04 -4.83
C LYS C 69 -16.62 -4.64 -3.61
N ASP C 70 -17.93 -4.84 -3.65
CA ASP C 70 -18.61 -5.50 -2.51
C ASP C 70 -18.24 -7.01 -2.45
N ALA C 71 -18.28 -7.67 -3.61
CA ALA C 71 -17.89 -9.08 -3.70
C ALA C 71 -16.40 -9.26 -3.67
N LYS C 72 -15.67 -8.17 -3.80
CA LYS C 72 -14.20 -8.22 -3.84
C LYS C 72 -13.80 -9.23 -4.90
N HIS C 73 -14.30 -8.98 -6.11
CA HIS C 73 -14.14 -9.88 -7.22
C HIS C 73 -13.91 -9.14 -8.55
N SER C 74 -12.98 -9.65 -9.37
CA SER C 74 -12.74 -9.12 -10.70
C SER C 74 -12.54 -10.26 -11.68
N THR C 75 -13.04 -10.10 -12.90
CA THR C 75 -12.75 -11.05 -13.97
C THR C 75 -12.13 -10.32 -15.16
N LEU C 76 -11.40 -11.06 -15.99
CA LEU C 76 -10.83 -10.53 -17.21
C LEU C 76 -11.22 -11.45 -18.37
N HIS C 77 -11.83 -10.87 -19.41
CA HIS C 77 -12.32 -11.68 -20.51
C HIS C 77 -11.48 -11.36 -21.70
N ILE C 78 -11.01 -12.40 -22.35
CA ILE C 78 -10.34 -12.26 -23.62
C ILE C 78 -11.28 -12.83 -24.65
N THR C 79 -11.70 -12.02 -25.62
CA THR C 79 -12.52 -12.48 -26.75
C THR C 79 -11.62 -12.95 -27.89
N ALA C 80 -12.02 -14.02 -28.55
CA ALA C 80 -11.31 -14.56 -29.72
C ALA C 80 -9.79 -14.60 -29.52
N THR C 81 -9.32 -15.47 -28.64
CA THR C 81 -7.89 -15.57 -28.32
C THR C 81 -7.01 -15.74 -29.56
N LEU C 82 -5.82 -15.16 -29.50
CA LEU C 82 -4.76 -15.32 -30.51
C LEU C 82 -3.51 -15.88 -29.85
N LEU C 83 -2.56 -16.31 -30.67
CA LEU C 83 -1.37 -16.94 -30.20
C LEU C 83 -0.63 -16.05 -29.19
N ASP C 84 -0.47 -14.76 -29.52
CA ASP C 84 0.29 -13.82 -28.65
C ASP C 84 -0.31 -13.60 -27.27
N ASP C 85 -1.53 -14.08 -27.05
CA ASP C 85 -2.13 -14.04 -25.73
C ASP C 85 -1.52 -15.06 -24.79
N THR C 86 -0.75 -15.99 -25.33
CA THR C 86 0.03 -16.88 -24.48
C THR C 86 0.96 -16.03 -23.59
N ALA C 87 0.71 -16.09 -22.29
CA ALA C 87 1.24 -15.12 -21.34
C ALA C 87 0.75 -15.47 -19.94
N THR C 88 1.31 -14.80 -18.92
CA THR C 88 0.81 -14.91 -17.56
C THR C 88 -0.02 -13.66 -17.27
N TYR C 89 -1.16 -13.82 -16.62
CA TYR C 89 -2.05 -12.69 -16.40
C TYR C 89 -2.11 -12.46 -14.91
N ILE C 90 -1.79 -11.23 -14.51
CA ILE C 90 -1.57 -10.95 -13.11
C ILE C 90 -2.51 -9.88 -12.62
N CYS C 91 -3.14 -10.20 -11.52
CA CYS C 91 -4.09 -9.32 -10.88
C CYS C 91 -3.35 -8.51 -9.79
N VAL C 92 -3.62 -7.20 -9.72
CA VAL C 92 -2.95 -6.38 -8.69
C VAL C 92 -3.91 -5.40 -8.06
N VAL C 93 -3.99 -5.42 -6.73
CA VAL C 93 -4.82 -4.45 -5.98
C VAL C 93 -3.99 -3.41 -5.26
N GLY C 94 -4.45 -2.18 -5.33
CA GLY C 94 -3.76 -1.03 -4.76
C GLY C 94 -4.63 -0.50 -3.67
N ASP C 95 -4.03 -0.27 -2.51
CA ASP C 95 -4.83 0.05 -1.35
C ASP C 95 -4.94 1.54 -1.04
N ARG C 96 -4.39 2.40 -1.91
CA ARG C 96 -4.63 3.84 -1.86
C ARG C 96 -4.81 4.45 -3.24
N GLY C 97 -5.51 5.59 -3.32
CA GLY C 97 -5.53 6.39 -4.53
C GLY C 97 -4.31 7.29 -4.72
N SER C 98 -3.20 6.94 -4.08
CA SER C 98 -2.01 7.77 -4.10
C SER C 98 -0.74 6.93 -3.88
N ALA C 99 0.42 7.58 -3.96
CA ALA C 99 1.69 6.90 -3.76
C ALA C 99 1.83 6.38 -2.34
N LEU C 100 0.92 6.72 -1.44
CA LEU C 100 0.97 6.20 -0.05
C LEU C 100 0.64 4.69 0.03
N GLY C 101 0.07 4.20 -1.08
CA GLY C 101 -0.39 2.83 -1.21
C GLY C 101 0.66 1.78 -1.42
N ARG C 102 0.22 0.54 -1.26
CA ARG C 102 1.01 -0.64 -1.54
C ARG C 102 0.22 -1.46 -2.55
N LEU C 103 0.92 -2.04 -3.54
CA LEU C 103 0.31 -2.93 -4.52
C LEU C 103 0.37 -4.33 -3.99
N HIS C 104 -0.73 -5.08 -4.11
CA HIS C 104 -0.77 -6.49 -3.67
C HIS C 104 -0.94 -7.41 -4.88
N PHE C 105 0.14 -8.09 -5.27
CA PHE C 105 0.13 -8.83 -6.52
C PHE C 105 -0.39 -10.25 -6.36
N GLY C 106 -1.24 -10.66 -7.28
CA GLY C 106 -1.58 -12.06 -7.40
C GLY C 106 -0.44 -12.83 -8.03
N ALA C 107 -0.48 -14.15 -7.87
CA ALA C 107 0.57 -15.00 -8.39
C ALA C 107 0.37 -15.22 -9.88
N GLY C 108 -0.83 -14.96 -10.39
CA GLY C 108 -1.01 -15.01 -11.83
C GLY C 108 -1.78 -16.19 -12.35
N THR C 109 -2.15 -16.11 -13.62
CA THR C 109 -2.81 -17.19 -14.29
C THR C 109 -2.08 -17.44 -15.57
N GLN C 110 -1.66 -18.66 -15.81
CA GLN C 110 -0.92 -18.97 -17.04
C GLN C 110 -1.82 -19.40 -18.23
N LEU C 111 -1.84 -18.64 -19.30
CA LEU C 111 -2.65 -18.98 -20.44
C LEU C 111 -1.81 -19.48 -21.59
N ILE C 112 -2.15 -20.66 -22.12
CA ILE C 112 -1.53 -21.14 -23.37
C ILE C 112 -2.61 -21.26 -24.46
N VAL C 113 -2.34 -20.70 -25.63
CA VAL C 113 -3.29 -20.71 -26.74
C VAL C 113 -2.77 -21.65 -27.81
N ILE C 114 -3.53 -22.71 -28.14
CA ILE C 114 -3.11 -23.61 -29.22
C ILE C 114 -3.43 -22.94 -30.57
N PRO C 115 -2.41 -22.72 -31.41
CA PRO C 115 -2.61 -22.05 -32.70
C PRO C 115 -3.34 -22.93 -33.71
N ASP C 116 -4.18 -22.32 -34.52
CA ASP C 116 -4.87 -23.06 -35.58
C ASP C 116 -3.91 -23.33 -36.76
N ILE C 117 -3.84 -24.57 -37.22
CA ILE C 117 -3.02 -24.89 -38.39
C ILE C 117 -3.93 -25.21 -39.57
N GLN C 118 -3.96 -24.27 -40.50
CA GLN C 118 -5.00 -24.23 -41.52
C GLN C 118 -4.71 -25.20 -42.65
N ASN C 119 -3.43 -25.31 -43.01
CA ASN C 119 -2.99 -26.15 -44.11
C ASN C 119 -1.72 -26.93 -43.76
N PRO C 120 -1.90 -28.10 -43.12
CA PRO C 120 -0.80 -28.96 -42.69
C PRO C 120 -0.09 -29.69 -43.84
N ASP C 121 1.24 -29.69 -43.79
CA ASP C 121 2.09 -30.29 -44.80
C ASP C 121 3.32 -30.94 -44.14
N PRO C 122 3.10 -31.97 -43.28
CA PRO C 122 4.17 -32.63 -42.52
C PRO C 122 5.34 -33.20 -43.36
N ALA C 123 6.55 -32.74 -43.01
CA ALA C 123 7.78 -33.08 -43.72
C ALA C 123 8.96 -33.11 -42.76
N VAL C 124 9.95 -33.96 -43.06
CA VAL C 124 11.25 -33.92 -42.38
C VAL C 124 12.37 -33.56 -43.37
N TYR C 125 13.01 -32.41 -43.17
CA TYR C 125 14.08 -31.95 -44.08
C TYR C 125 15.46 -32.04 -43.46
N GLN C 126 16.49 -32.20 -44.29
CA GLN C 126 17.87 -32.19 -43.81
C GLN C 126 18.64 -30.92 -44.23
N LEU C 127 19.15 -30.19 -43.23
CA LEU C 127 19.81 -28.88 -43.40
C LEU C 127 21.31 -28.93 -43.08
N ARG C 128 22.14 -28.26 -43.87
CA ARG C 128 23.59 -28.33 -43.68
C ARG C 128 24.19 -27.15 -42.91
N ASP C 129 25.13 -27.44 -42.01
CA ASP C 129 25.94 -26.38 -41.37
C ASP C 129 26.68 -25.55 -42.43
N SER C 130 26.60 -24.23 -42.28
CA SER C 130 27.17 -23.27 -43.24
C SER C 130 28.70 -23.29 -43.34
N LYS C 131 29.36 -23.52 -42.21
CA LYS C 131 30.81 -23.64 -42.14
C LYS C 131 31.30 -25.12 -42.32
N SER C 132 30.66 -26.06 -41.64
CA SER C 132 31.02 -27.49 -41.71
C SER C 132 30.02 -28.26 -42.56
N SER C 133 30.45 -28.66 -43.76
CA SER C 133 29.58 -29.35 -44.70
C SER C 133 28.99 -30.64 -44.09
N ASP C 134 29.80 -31.33 -43.29
CA ASP C 134 29.47 -32.66 -42.77
C ASP C 134 28.53 -32.68 -41.53
N LYS C 135 28.28 -31.52 -40.93
CA LYS C 135 27.29 -31.43 -39.86
C LYS C 135 25.92 -31.10 -40.43
N SER C 136 24.86 -31.68 -39.85
CA SER C 136 23.49 -31.39 -40.26
C SER C 136 22.49 -31.51 -39.12
N VAL C 137 21.31 -30.94 -39.30
CA VAL C 137 20.20 -31.17 -38.39
C VAL C 137 19.01 -31.76 -39.16
N CYS C 138 18.05 -32.35 -38.44
CA CYS C 138 16.80 -32.74 -39.07
C CYS C 138 15.62 -31.92 -38.55
N LEU C 139 14.77 -31.47 -39.48
CA LEU C 139 13.75 -30.51 -39.16
C LEU C 139 12.40 -31.07 -39.53
N PHE C 140 11.62 -31.40 -38.52
CA PHE C 140 10.25 -31.85 -38.67
C PHE C 140 9.36 -30.62 -38.63
N THR C 141 8.55 -30.41 -39.66
CA THR C 141 7.80 -29.17 -39.78
C THR C 141 6.43 -29.30 -40.43
N ASP C 142 5.63 -28.25 -40.27
CA ASP C 142 4.30 -28.09 -40.89
C ASP C 142 3.29 -29.18 -40.51
N PHE C 143 3.43 -29.74 -39.32
CA PHE C 143 2.44 -30.67 -38.79
C PHE C 143 1.35 -29.90 -38.04
N ASP C 144 0.18 -30.50 -37.88
CA ASP C 144 -0.86 -29.80 -37.16
C ASP C 144 -0.69 -29.98 -35.64
N SER C 145 -1.69 -29.56 -34.89
CA SER C 145 -1.52 -29.43 -33.45
C SER C 145 -1.93 -30.67 -32.69
N GLN C 146 -2.47 -31.65 -33.41
CA GLN C 146 -2.74 -32.96 -32.82
C GLN C 146 -1.42 -33.73 -32.62
N THR C 147 -0.40 -33.37 -33.39
CA THR C 147 0.88 -34.07 -33.38
C THR C 147 1.79 -33.72 -32.19
N ASN C 148 2.24 -34.76 -31.50
CA ASN C 148 3.12 -34.64 -30.33
C ASN C 148 4.54 -35.09 -30.65
N VAL C 149 5.52 -34.29 -30.25
CA VAL C 149 6.92 -34.57 -30.50
C VAL C 149 7.61 -35.21 -29.29
N SER C 150 7.83 -36.53 -29.39
CA SER C 150 8.50 -37.29 -28.35
C SER C 150 10.02 -37.21 -28.42
N GLN C 151 10.67 -37.43 -27.27
CA GLN C 151 12.13 -37.50 -27.13
C GLN C 151 12.62 -38.86 -27.63
N SER C 152 13.86 -38.93 -28.11
CA SER C 152 14.38 -40.19 -28.68
C SER C 152 14.73 -41.25 -27.63
N LYS C 153 14.85 -42.49 -28.09
CA LYS C 153 15.32 -43.60 -27.26
C LYS C 153 16.83 -43.47 -27.02
N ASP C 154 17.52 -42.85 -27.97
CA ASP C 154 18.97 -42.68 -27.91
C ASP C 154 19.33 -41.37 -27.22
N SER C 155 20.11 -41.46 -26.16
CA SER C 155 20.51 -40.29 -25.38
C SER C 155 21.62 -39.49 -26.04
N ASP C 156 22.10 -39.98 -27.19
CA ASP C 156 23.05 -39.24 -28.02
C ASP C 156 22.32 -38.49 -29.15
N VAL C 157 21.02 -38.75 -29.26
CA VAL C 157 20.14 -38.01 -30.15
C VAL C 157 19.40 -36.92 -29.37
N TYR C 158 19.39 -35.70 -29.90
CA TYR C 158 18.73 -34.58 -29.27
C TYR C 158 17.51 -34.18 -30.05
N ILE C 159 16.36 -34.10 -29.39
CA ILE C 159 15.15 -33.64 -30.04
C ILE C 159 14.52 -32.58 -29.20
N THR C 160 14.39 -31.39 -29.78
CA THR C 160 13.73 -30.25 -29.14
C THR C 160 12.22 -30.43 -29.21
N ASP C 161 11.48 -29.69 -28.38
CA ASP C 161 10.01 -29.82 -28.39
C ASP C 161 9.40 -28.95 -29.50
N LYS C 162 8.13 -29.21 -29.82
CA LYS C 162 7.42 -28.45 -30.87
C LYS C 162 7.45 -26.95 -30.57
N CYS C 163 7.36 -26.14 -31.62
CA CYS C 163 7.42 -24.70 -31.46
C CYS C 163 6.78 -24.02 -32.65
N VAL C 164 5.90 -23.06 -32.38
CA VAL C 164 5.21 -22.36 -33.45
C VAL C 164 5.76 -20.98 -33.86
N LEU C 165 6.15 -20.84 -35.12
CA LEU C 165 6.54 -19.54 -35.67
C LEU C 165 5.40 -18.92 -36.49
N ASP C 166 5.38 -17.59 -36.52
CA ASP C 166 4.35 -16.80 -37.19
C ASP C 166 5.01 -15.83 -38.15
N MET C 167 4.82 -16.09 -39.44
CA MET C 167 5.24 -15.15 -40.50
C MET C 167 4.10 -14.15 -40.68
N ARG C 168 4.14 -13.08 -39.89
CA ARG C 168 3.01 -12.14 -39.82
C ARG C 168 2.68 -11.57 -41.18
N SER C 169 3.73 -11.25 -41.94
CA SER C 169 3.64 -10.79 -43.33
C SER C 169 2.73 -11.66 -44.23
N MET C 170 2.92 -12.98 -44.21
CA MET C 170 2.07 -13.89 -44.99
C MET C 170 0.88 -14.46 -44.21
N ASP C 171 0.62 -13.94 -43.01
CA ASP C 171 -0.48 -14.42 -42.14
C ASP C 171 -0.45 -15.96 -42.10
N PHE C 172 0.71 -16.49 -41.68
CA PHE C 172 1.00 -17.92 -41.79
C PHE C 172 1.77 -18.45 -40.60
N LYS C 173 1.33 -19.58 -40.06
CA LYS C 173 1.95 -20.20 -38.90
C LYS C 173 2.33 -21.65 -39.18
N SER C 174 3.42 -22.08 -38.53
CA SER C 174 3.91 -23.44 -38.65
C SER C 174 4.62 -23.93 -37.39
N ASN C 175 4.38 -25.19 -37.07
CA ASN C 175 5.00 -25.90 -35.96
C ASN C 175 6.31 -26.47 -36.45
N SER C 176 7.24 -26.66 -35.55
CA SER C 176 8.53 -27.19 -35.92
C SER C 176 9.13 -27.87 -34.70
N ALA C 177 10.03 -28.83 -34.96
CA ALA C 177 10.91 -29.42 -33.97
C ALA C 177 12.21 -29.84 -34.67
N VAL C 178 13.31 -29.87 -33.93
CA VAL C 178 14.63 -30.09 -34.50
C VAL C 178 15.26 -31.32 -33.84
N ALA C 179 16.07 -32.06 -34.60
CA ALA C 179 16.78 -33.18 -34.05
C ALA C 179 18.17 -33.25 -34.67
N TRP C 180 19.15 -33.63 -33.88
CA TRP C 180 20.54 -33.81 -34.32
C TRP C 180 21.26 -34.79 -33.42
N SER C 181 22.48 -35.18 -33.82
CA SER C 181 23.22 -36.23 -33.12
C SER C 181 24.74 -36.21 -33.35
N ASN C 182 25.47 -36.25 -32.23
CA ASN C 182 26.95 -36.44 -32.17
C ASN C 182 27.50 -37.24 -33.33
N LYS C 183 26.86 -38.38 -33.59
CA LYS C 183 27.31 -39.41 -34.53
C LYS C 183 26.89 -39.10 -35.99
N SER C 184 27.15 -40.07 -36.87
CA SER C 184 26.57 -40.12 -38.22
C SER C 184 26.42 -41.55 -38.79
N ASP C 185 25.84 -42.43 -37.97
CA ASP C 185 25.07 -43.57 -38.46
C ASP C 185 23.60 -43.18 -38.28
N PHE C 186 23.39 -41.86 -38.24
CA PHE C 186 22.12 -41.19 -37.97
C PHE C 186 21.64 -40.40 -39.19
N ALA C 187 20.41 -40.68 -39.61
CA ALA C 187 19.76 -39.92 -40.67
C ALA C 187 18.37 -39.44 -40.23
N CYS C 188 17.81 -38.55 -41.04
CA CYS C 188 16.51 -37.97 -40.78
C CYS C 188 15.34 -38.95 -40.88
N ALA C 189 15.41 -39.89 -41.82
CA ALA C 189 14.36 -40.91 -41.91
C ALA C 189 14.17 -41.61 -40.56
N ASN C 190 15.27 -41.88 -39.87
CA ASN C 190 15.24 -42.56 -38.59
C ASN C 190 15.28 -41.61 -37.39
N ALA C 191 15.06 -40.32 -37.63
CA ALA C 191 15.17 -39.31 -36.59
C ALA C 191 14.00 -39.29 -35.61
N PHE C 192 12.77 -39.18 -36.13
CA PHE C 192 11.60 -39.03 -35.26
C PHE C 192 10.86 -40.35 -35.04
N ASN C 193 11.60 -41.45 -35.24
CA ASN C 193 11.12 -42.80 -35.05
C ASN C 193 10.24 -43.00 -33.82
N ASN C 194 10.70 -42.48 -32.69
CA ASN C 194 9.98 -42.61 -31.42
C ASN C 194 8.87 -41.54 -31.24
N SER C 195 8.34 -41.02 -32.35
CA SER C 195 7.16 -40.13 -32.32
C SER C 195 6.03 -40.63 -33.23
N ILE C 196 4.79 -40.49 -32.76
CA ILE C 196 3.61 -40.73 -33.61
C ILE C 196 3.53 -39.59 -34.64
N ILE C 197 4.14 -39.84 -35.80
CA ILE C 197 4.12 -38.88 -36.90
C ILE C 197 3.13 -39.33 -37.99
N PRO C 198 2.48 -38.37 -38.67
CA PRO C 198 1.38 -38.67 -39.59
C PRO C 198 1.79 -39.60 -40.72
N GLU C 199 0.82 -40.30 -41.29
CA GLU C 199 1.05 -41.23 -42.37
C GLU C 199 1.65 -40.58 -43.62
N ASP C 200 1.07 -39.47 -44.06
CA ASP C 200 1.48 -38.77 -45.29
C ASP C 200 2.76 -37.90 -45.21
N THR C 201 3.59 -38.09 -44.18
CA THR C 201 4.76 -37.23 -43.97
C THR C 201 5.78 -37.30 -45.12
N PHE C 202 6.15 -36.12 -45.65
CA PHE C 202 7.13 -36.01 -46.70
C PHE C 202 8.54 -36.31 -46.21
N PHE C 203 9.15 -37.33 -46.80
CA PHE C 203 10.57 -37.62 -46.60
C PHE C 203 11.26 -37.56 -47.97
N PRO C 204 11.86 -36.39 -48.30
CA PRO C 204 12.55 -36.19 -49.57
C PRO C 204 13.76 -37.13 -49.69
N SER C 205 13.95 -37.69 -50.90
CA SER C 205 14.89 -38.81 -51.15
C SER C 205 16.13 -38.85 -50.24
N ALA D 3 7.21 8.29 -19.56
CA ALA D 3 7.02 7.46 -18.34
C ALA D 3 7.83 6.15 -18.47
N ALA D 4 9.15 6.30 -18.69
CA ALA D 4 10.05 5.17 -19.06
C ALA D 4 11.07 4.81 -17.98
N VAL D 5 11.34 3.50 -17.82
CA VAL D 5 12.27 2.99 -16.81
C VAL D 5 13.23 1.91 -17.33
N THR D 6 14.51 2.07 -17.03
CA THR D 6 15.57 1.14 -17.45
C THR D 6 16.25 0.48 -16.26
N GLN D 7 16.70 -0.77 -16.46
CA GLN D 7 17.42 -1.52 -15.44
C GLN D 7 18.72 -2.04 -16.00
N SER D 8 19.79 -2.00 -15.21
CA SER D 8 21.00 -2.67 -15.66
C SER D 8 21.66 -3.45 -14.51
N PRO D 9 22.24 -4.64 -14.83
CA PRO D 9 22.16 -5.27 -16.14
C PRO D 9 20.80 -5.88 -16.30
N ARG D 10 20.62 -6.59 -17.40
CA ARG D 10 19.36 -7.27 -17.63
C ARG D 10 19.42 -8.72 -17.23
N ASN D 11 20.62 -9.20 -16.99
CA ASN D 11 20.84 -10.59 -16.69
C ASN D 11 22.24 -10.73 -16.08
N LYS D 12 22.33 -11.42 -14.94
CA LYS D 12 23.61 -11.56 -14.22
C LYS D 12 23.86 -12.99 -13.69
N VAL D 13 25.05 -13.51 -13.89
CA VAL D 13 25.47 -14.75 -13.24
C VAL D 13 26.49 -14.35 -12.19
N ALA D 14 26.36 -14.91 -11.00
CA ALA D 14 27.18 -14.47 -9.85
C ALA D 14 27.46 -15.64 -8.94
N VAL D 15 28.61 -15.63 -8.29
CA VAL D 15 28.94 -16.64 -7.28
C VAL D 15 28.43 -16.30 -5.88
N THR D 16 28.32 -17.32 -5.01
CA THR D 16 28.02 -17.14 -3.57
C THR D 16 29.10 -16.27 -2.94
N GLY D 17 28.67 -15.30 -2.14
CA GLY D 17 29.61 -14.42 -1.47
C GLY D 17 29.98 -13.19 -2.28
N GLY D 18 29.55 -13.15 -3.54
CA GLY D 18 29.83 -12.01 -4.42
C GLY D 18 29.00 -10.77 -4.09
N LYS D 19 29.56 -9.59 -4.35
CA LYS D 19 28.80 -8.36 -4.29
C LYS D 19 28.09 -8.21 -5.62
N VAL D 20 26.78 -8.08 -5.60
CA VAL D 20 26.04 -7.78 -6.81
C VAL D 20 25.24 -6.50 -6.62
N THR D 21 25.35 -5.62 -7.63
CA THR D 21 24.58 -4.39 -7.69
C THR D 21 23.64 -4.35 -8.89
N LEU D 22 22.37 -4.15 -8.58
CA LEU D 22 21.33 -4.01 -9.60
C LEU D 22 20.91 -2.53 -9.65
N SER D 23 20.97 -1.94 -10.84
CA SER D 23 20.67 -0.52 -11.00
C SER D 23 19.36 -0.23 -11.71
N CYS D 24 18.72 0.85 -11.30
CA CYS D 24 17.53 1.32 -11.99
C CYS D 24 17.66 2.81 -12.26
N ASN D 25 17.33 3.21 -13.49
CA ASN D 25 17.32 4.64 -13.88
C ASN D 25 15.97 5.13 -14.45
N GLN D 26 15.54 6.33 -14.02
CA GLN D 26 14.34 6.96 -14.58
C GLN D 26 14.44 8.47 -14.75
N THR D 27 13.97 8.94 -15.92
CA THR D 27 14.15 10.33 -16.37
C THR D 27 12.92 11.19 -16.10
N ASN D 28 11.85 10.57 -15.62
CA ASN D 28 10.56 11.23 -15.50
C ASN D 28 10.50 12.21 -14.36
N ASN D 29 11.59 12.30 -13.61
CA ASN D 29 11.63 13.16 -12.43
C ASN D 29 10.69 12.63 -11.31
N HIS D 30 10.27 11.37 -11.43
CA HIS D 30 9.51 10.69 -10.39
C HIS D 30 10.25 10.66 -9.07
N ASN D 31 9.62 11.22 -8.04
CA ASN D 31 10.14 11.20 -6.68
C ASN D 31 10.32 9.78 -6.14
N ASN D 32 9.46 8.86 -6.57
CA ASN D 32 9.30 7.60 -5.86
C ASN D 32 9.81 6.39 -6.63
N MET D 33 10.69 5.62 -6.01
CA MET D 33 11.12 4.39 -6.68
C MET D 33 10.95 3.14 -5.83
N TYR D 34 10.87 1.99 -6.48
CA TYR D 34 10.57 0.73 -5.82
C TYR D 34 11.33 -0.44 -6.41
N TRP D 35 11.72 -1.39 -5.56
CA TRP D 35 12.31 -2.65 -6.03
C TRP D 35 11.50 -3.86 -5.58
N TYR D 36 11.30 -4.79 -6.51
CA TYR D 36 10.55 -6.01 -6.25
C TYR D 36 11.32 -7.22 -6.81
N ARG D 37 11.11 -8.39 -6.20
CA ARG D 37 11.47 -9.66 -6.85
C ARG D 37 10.27 -10.51 -7.18
N GLN D 38 10.40 -11.29 -8.25
CA GLN D 38 9.33 -12.16 -8.73
C GLN D 38 9.79 -13.62 -8.77
N ASP D 39 9.19 -14.45 -7.95
CA ASP D 39 9.50 -15.86 -7.95
C ASP D 39 8.21 -16.62 -8.19
N THR D 40 8.21 -17.46 -9.22
CA THR D 40 7.04 -18.28 -9.59
C THR D 40 6.26 -18.78 -8.37
N GLY D 41 4.94 -18.78 -8.53
CA GLY D 41 4.05 -19.28 -7.47
C GLY D 41 3.90 -18.28 -6.36
N HIS D 42 4.63 -17.17 -6.47
CA HIS D 42 4.43 -15.95 -5.67
C HIS D 42 4.15 -14.80 -6.59
N GLY D 43 3.38 -13.82 -6.10
CA GLY D 43 3.18 -12.56 -6.80
C GLY D 43 4.37 -11.68 -6.52
N LEU D 44 4.49 -10.52 -7.17
CA LEU D 44 5.57 -9.60 -6.87
C LEU D 44 5.67 -9.24 -5.39
N ARG D 45 6.90 -9.11 -4.91
CA ARG D 45 7.15 -8.77 -3.51
C ARG D 45 8.09 -7.59 -3.31
N LEU D 46 7.68 -6.60 -2.51
CA LEU D 46 8.46 -5.38 -2.28
C LEU D 46 9.67 -5.54 -1.32
N ILE D 47 10.85 -5.14 -1.79
CA ILE D 47 12.08 -5.31 -1.05
C ILE D 47 12.46 -4.00 -0.37
N HIS D 48 12.71 -2.96 -1.17
CA HIS D 48 13.02 -1.62 -0.66
C HIS D 48 12.34 -0.60 -1.56
N TYR D 49 12.16 0.60 -1.05
CA TYR D 49 11.66 1.69 -1.87
C TYR D 49 12.25 2.98 -1.39
N SER D 50 11.95 4.05 -2.11
CA SER D 50 12.55 5.35 -1.83
C SER D 50 11.56 6.42 -2.18
N TYR D 51 11.52 7.44 -1.34
CA TYR D 51 10.64 8.58 -1.54
C TYR D 51 11.39 9.80 -2.09
N GLY D 52 12.70 9.68 -2.20
CA GLY D 52 13.51 10.72 -2.77
C GLY D 52 14.98 10.48 -2.57
N ALA D 53 15.78 11.31 -3.23
CA ALA D 53 17.20 11.22 -3.16
C ALA D 53 17.64 11.13 -1.70
N GLY D 54 18.55 10.18 -1.43
CA GLY D 54 19.25 10.11 -0.14
C GLY D 54 18.49 9.39 0.95
N SER D 55 17.32 8.87 0.58
CA SER D 55 16.44 8.14 1.47
C SER D 55 16.15 6.77 0.89
N THR D 56 15.94 5.81 1.77
CA THR D 56 15.40 4.53 1.38
C THR D 56 14.56 3.98 2.54
N GLU D 57 13.69 3.02 2.24
CA GLU D 57 12.83 2.43 3.22
C GLU D 57 12.77 0.94 3.01
N LYS D 58 12.75 0.20 4.11
CA LYS D 58 12.54 -1.24 4.04
C LYS D 58 11.16 -1.56 3.49
N GLY D 59 11.08 -2.60 2.65
CA GLY D 59 9.80 -3.09 2.12
C GLY D 59 9.39 -4.30 2.94
N ASP D 60 8.65 -5.23 2.35
CA ASP D 60 8.22 -6.44 3.07
C ASP D 60 9.32 -7.50 3.25
N ILE D 61 10.20 -7.62 2.24
CA ILE D 61 11.30 -8.60 2.29
C ILE D 61 12.70 -8.00 2.13
N PRO D 62 13.12 -7.17 3.10
CA PRO D 62 14.38 -6.47 2.96
C PRO D 62 15.59 -7.34 3.19
N ASP D 63 15.47 -8.39 4.00
CA ASP D 63 16.66 -9.13 4.45
C ASP D 63 17.59 -9.57 3.31
N GLY D 64 18.83 -9.07 3.38
CA GLY D 64 19.92 -9.50 2.50
C GLY D 64 20.15 -8.47 1.41
N TYR D 65 19.40 -7.38 1.46
CA TYR D 65 19.52 -6.31 0.49
C TYR D 65 19.69 -4.97 1.19
N LYS D 66 20.59 -4.17 0.62
CA LYS D 66 20.77 -2.76 0.99
C LYS D 66 20.21 -1.94 -0.19
N ALA D 67 19.76 -0.72 0.05
CA ALA D 67 19.23 0.10 -1.03
C ALA D 67 20.06 1.34 -1.11
N SER D 68 20.17 1.93 -2.29
CA SER D 68 20.90 3.17 -2.42
C SER D 68 20.15 4.10 -3.36
N ARG D 69 19.84 5.29 -2.86
CA ARG D 69 19.23 6.31 -3.70
C ARG D 69 20.17 7.51 -3.69
N PRO D 70 21.19 7.49 -4.59
CA PRO D 70 22.17 8.57 -4.68
C PRO D 70 21.60 9.86 -5.25
N SER D 71 20.51 9.74 -6.01
CA SER D 71 19.99 10.83 -6.82
C SER D 71 18.54 10.55 -7.23
N GLN D 72 17.88 11.57 -7.78
CA GLN D 72 16.52 11.44 -8.28
C GLN D 72 16.42 10.36 -9.35
N GLU D 73 17.39 10.29 -10.26
CA GLU D 73 17.33 9.34 -11.39
C GLU D 73 17.57 7.86 -11.00
N ASN D 74 18.34 7.64 -9.94
CA ASN D 74 18.94 6.33 -9.70
C ASN D 74 18.53 5.64 -8.40
N PHE D 75 18.18 4.35 -8.52
CA PHE D 75 17.80 3.53 -7.39
C PHE D 75 18.51 2.21 -7.56
N SER D 76 19.32 1.83 -6.57
CA SER D 76 20.14 0.64 -6.66
C SER D 76 19.86 -0.40 -5.60
N LEU D 77 19.77 -1.64 -6.04
CA LEU D 77 19.63 -2.76 -5.12
C LEU D 77 20.97 -3.41 -5.01
N ILE D 78 21.47 -3.45 -3.79
CA ILE D 78 22.79 -4.02 -3.52
C ILE D 78 22.64 -5.25 -2.65
N LEU D 79 23.20 -6.35 -3.15
CA LEU D 79 23.36 -7.59 -2.39
C LEU D 79 24.84 -7.73 -2.03
N GLU D 80 25.19 -7.40 -0.77
CA GLU D 80 26.62 -7.51 -0.30
C GLU D 80 27.14 -8.93 -0.32
N LEU D 81 26.38 -9.87 0.23
CA LEU D 81 26.74 -11.29 0.22
C LEU D 81 25.66 -12.10 -0.46
N ALA D 82 25.77 -12.19 -1.79
CA ALA D 82 24.80 -12.91 -2.59
C ALA D 82 24.73 -14.38 -2.16
N THR D 83 23.50 -14.88 -2.06
CA THR D 83 23.26 -16.31 -1.80
C THR D 83 22.32 -16.94 -2.86
N PRO D 84 22.43 -18.27 -3.08
CA PRO D 84 21.56 -18.91 -4.07
C PRO D 84 20.08 -18.52 -3.95
N SER D 85 19.65 -18.15 -2.75
CA SER D 85 18.24 -17.86 -2.48
C SER D 85 17.79 -16.52 -3.09
N GLN D 86 18.76 -15.76 -3.61
CA GLN D 86 18.46 -14.49 -4.27
C GLN D 86 18.40 -14.61 -5.79
N THR D 87 18.52 -15.85 -6.28
CA THR D 87 18.18 -16.18 -7.64
C THR D 87 16.72 -15.80 -7.90
N SER D 88 16.49 -14.94 -8.90
CA SER D 88 15.17 -14.37 -9.11
C SER D 88 15.09 -13.43 -10.33
N VAL D 89 13.92 -12.82 -10.51
CA VAL D 89 13.82 -11.75 -11.48
C VAL D 89 13.45 -10.50 -10.71
N TYR D 90 14.22 -9.43 -10.92
CA TYR D 90 14.04 -8.24 -10.10
C TYR D 90 13.48 -7.11 -10.92
N PHE D 91 12.35 -6.55 -10.47
CA PHE D 91 11.77 -5.38 -11.13
C PHE D 91 11.92 -4.15 -10.31
N CYS D 92 12.26 -3.08 -10.99
CA CYS D 92 12.35 -1.75 -10.46
C CYS D 92 11.10 -1.00 -10.90
N ALA D 93 10.68 0.01 -10.12
CA ALA D 93 9.56 0.84 -10.55
C ALA D 93 9.64 2.29 -10.08
N SER D 94 8.90 3.18 -10.74
CA SER D 94 8.91 4.59 -10.39
C SER D 94 7.49 5.19 -10.45
N GLY D 95 7.26 6.28 -9.72
CA GLY D 95 5.97 6.96 -9.74
C GLY D 95 6.01 8.35 -9.13
N ASP D 96 5.04 9.19 -9.51
CA ASP D 96 4.88 10.51 -8.86
C ASP D 96 3.99 10.28 -7.63
N GLU D 97 3.26 11.32 -7.20
CA GLU D 97 2.36 11.21 -6.06
C GLU D 97 1.17 10.25 -6.28
N GLY D 98 0.79 10.05 -7.53
CA GLY D 98 -0.39 9.25 -7.88
C GLY D 98 -0.17 7.78 -7.61
N TYR D 99 -1.13 6.96 -8.02
CA TYR D 99 -1.03 5.56 -7.60
C TYR D 99 -0.29 4.62 -8.57
N THR D 100 -0.14 5.00 -9.84
CA THR D 100 0.56 4.15 -10.84
C THR D 100 2.04 3.97 -10.56
N GLN D 101 2.50 2.74 -10.72
CA GLN D 101 3.92 2.44 -10.76
C GLN D 101 4.26 1.95 -12.16
N TYR D 102 5.32 2.50 -12.76
CA TYR D 102 5.71 2.19 -14.12
C TYR D 102 6.88 1.26 -14.00
N PHE D 103 6.75 0.05 -14.55
CA PHE D 103 7.74 -0.99 -14.30
C PHE D 103 8.87 -1.08 -15.30
N GLY D 104 10.05 -1.38 -14.79
CA GLY D 104 11.18 -1.65 -15.66
C GLY D 104 11.03 -3.01 -16.32
N PRO D 105 11.94 -3.34 -17.27
CA PRO D 105 11.89 -4.57 -18.01
C PRO D 105 12.32 -5.79 -17.23
N GLY D 106 12.88 -5.61 -16.04
CA GLY D 106 13.31 -6.73 -15.21
C GLY D 106 14.72 -7.23 -15.48
N THR D 107 15.37 -7.69 -14.42
CA THR D 107 16.73 -8.20 -14.42
C THR D 107 16.72 -9.59 -13.85
N ARG D 108 17.25 -10.54 -14.60
CA ARG D 108 17.32 -11.90 -14.14
C ARG D 108 18.65 -12.16 -13.49
N LEU D 109 18.59 -12.75 -12.30
CA LEU D 109 19.81 -13.08 -11.60
C LEU D 109 19.84 -14.54 -11.22
N LEU D 110 21.00 -15.17 -11.44
CA LEU D 110 21.27 -16.48 -10.92
C LEU D 110 22.52 -16.41 -10.08
N VAL D 111 22.43 -16.92 -8.85
CA VAL D 111 23.58 -17.01 -7.95
C VAL D 111 23.95 -18.48 -7.77
N LEU D 112 25.14 -18.85 -8.23
CA LEU D 112 25.66 -20.22 -8.14
C LEU D 112 26.62 -20.46 -6.95
N GLU D 113 26.71 -21.71 -6.49
CA GLU D 113 27.68 -22.07 -5.45
C GLU D 113 29.09 -21.94 -5.99
N ASP D 114 29.34 -22.56 -7.14
CA ASP D 114 30.65 -22.47 -7.79
C ASP D 114 30.52 -22.00 -9.22
N LEU D 115 31.54 -21.35 -9.72
CA LEU D 115 31.57 -20.94 -11.12
C LEU D 115 32.37 -21.88 -12.02
N ARG D 116 32.83 -22.98 -11.45
CA ARG D 116 33.76 -23.89 -12.14
C ARG D 116 33.29 -24.42 -13.51
N ASN D 117 31.98 -24.37 -13.75
CA ASN D 117 31.43 -24.96 -14.96
C ASN D 117 30.92 -23.97 -15.99
N VAL D 118 31.06 -22.69 -15.71
CA VAL D 118 30.56 -21.69 -16.61
C VAL D 118 31.32 -21.89 -17.92
N THR D 119 30.58 -22.03 -19.02
CA THR D 119 31.12 -22.26 -20.36
C THR D 119 30.23 -21.57 -21.40
N PRO D 120 30.86 -20.79 -22.33
CA PRO D 120 30.10 -20.15 -23.38
C PRO D 120 29.66 -21.17 -24.43
N PRO D 121 28.67 -20.83 -25.27
CA PRO D 121 28.18 -21.76 -26.29
C PRO D 121 28.99 -21.75 -27.58
N LYS D 122 28.96 -22.87 -28.30
CA LYS D 122 29.34 -22.85 -29.69
C LYS D 122 28.05 -22.60 -30.47
N VAL D 123 28.14 -21.92 -31.59
CA VAL D 123 26.95 -21.56 -32.31
C VAL D 123 27.09 -21.98 -33.76
N SER D 124 26.08 -22.65 -34.28
CA SER D 124 26.06 -23.10 -35.66
C SER D 124 24.77 -22.63 -36.31
N LEU D 125 24.87 -22.28 -37.59
CA LEU D 125 23.72 -21.91 -38.41
C LEU D 125 23.53 -22.95 -39.50
N PHE D 126 22.33 -23.46 -39.64
CA PHE D 126 22.10 -24.49 -40.64
C PHE D 126 21.21 -23.92 -41.71
N GLU D 127 21.59 -24.17 -42.98
CA GLU D 127 20.96 -23.51 -44.12
C GLU D 127 19.83 -24.33 -44.68
N PRO D 128 18.73 -23.65 -45.05
CA PRO D 128 17.51 -24.22 -45.63
C PRO D 128 17.74 -25.35 -46.63
N SER D 129 16.84 -26.31 -46.56
CA SER D 129 16.75 -27.43 -47.49
C SER D 129 16.19 -27.01 -48.85
N LYS D 130 16.85 -27.46 -49.91
CA LYS D 130 16.40 -27.23 -51.30
C LYS D 130 15.07 -27.93 -51.56
N ALA D 131 14.81 -28.99 -50.80
CA ALA D 131 13.54 -29.68 -50.88
C ALA D 131 12.44 -28.78 -50.31
N GLU D 132 12.63 -28.30 -49.09
CA GLU D 132 11.67 -27.36 -48.53
C GLU D 132 11.32 -26.21 -49.50
N ILE D 133 12.37 -25.59 -50.06
CA ILE D 133 12.21 -24.50 -50.99
C ILE D 133 11.22 -24.86 -52.12
N SER D 134 11.44 -25.99 -52.76
CA SER D 134 10.66 -26.41 -53.91
C SER D 134 9.28 -26.92 -53.53
N HIS D 135 9.16 -27.41 -52.30
CA HIS D 135 7.91 -27.99 -51.83
C HIS D 135 6.95 -26.94 -51.26
N THR D 136 7.49 -25.94 -50.56
CA THR D 136 6.65 -24.98 -49.84
C THR D 136 6.80 -23.55 -50.36
N GLN D 137 7.89 -23.30 -51.07
CA GLN D 137 8.35 -21.94 -51.41
C GLN D 137 8.77 -21.12 -50.18
N LYS D 138 9.10 -21.84 -49.12
CA LYS D 138 9.59 -21.20 -47.90
C LYS D 138 11.01 -21.69 -47.62
N ALA D 139 11.76 -20.91 -46.85
CA ALA D 139 13.11 -21.31 -46.49
C ALA D 139 13.29 -21.15 -44.98
N THR D 140 13.72 -22.25 -44.33
CA THR D 140 13.89 -22.27 -42.87
C THR D 140 15.35 -22.37 -42.43
N LEU D 141 15.87 -21.34 -41.80
CA LEU D 141 17.18 -21.47 -41.15
C LEU D 141 17.07 -22.10 -39.75
N VAL D 142 18.11 -22.85 -39.35
CA VAL D 142 18.20 -23.32 -37.98
C VAL D 142 19.48 -22.85 -37.30
N CYS D 143 19.30 -22.30 -36.11
CA CYS D 143 20.40 -21.96 -35.27
C CYS D 143 20.52 -22.93 -34.12
N LEU D 144 21.75 -23.34 -33.81
CA LEU D 144 22.05 -24.22 -32.70
C LEU D 144 23.11 -23.67 -31.77
N ALA D 145 22.79 -23.66 -30.49
CA ALA D 145 23.70 -23.17 -29.49
C ALA D 145 23.96 -24.35 -28.58
N THR D 146 25.23 -24.77 -28.47
CA THR D 146 25.55 -25.95 -27.70
C THR D 146 26.70 -25.71 -26.71
N GLY D 147 26.78 -26.59 -25.71
CA GLY D 147 27.89 -26.61 -24.77
C GLY D 147 27.92 -25.50 -23.70
N PHE D 148 26.82 -24.79 -23.54
CA PHE D 148 26.80 -23.68 -22.59
C PHE D 148 26.28 -24.04 -21.20
N TYR D 149 26.75 -23.29 -20.21
CA TYR D 149 26.36 -23.43 -18.83
C TYR D 149 26.71 -22.11 -18.23
N PRO D 150 25.83 -21.55 -17.39
CA PRO D 150 24.46 -22.02 -17.15
C PRO D 150 23.50 -21.66 -18.32
N ASP D 151 22.19 -21.74 -18.09
CA ASP D 151 21.22 -21.57 -19.16
C ASP D 151 20.83 -20.12 -19.46
N HIS D 152 21.68 -19.15 -19.09
CA HIS D 152 21.32 -17.74 -19.24
C HIS D 152 21.79 -17.17 -20.59
N VAL D 153 20.99 -17.43 -21.62
CA VAL D 153 21.31 -16.97 -22.99
C VAL D 153 20.14 -16.32 -23.70
N GLU D 154 20.43 -15.35 -24.54
CA GLU D 154 19.42 -14.71 -25.33
C GLU D 154 19.88 -14.97 -26.72
N LEU D 155 19.06 -15.70 -27.45
CA LEU D 155 19.24 -15.93 -28.88
C LEU D 155 18.33 -14.95 -29.65
N SER D 156 18.90 -14.32 -30.67
CA SER D 156 18.19 -13.34 -31.52
C SER D 156 18.69 -13.46 -32.97
N TRP D 157 17.79 -13.18 -33.92
CA TRP D 157 18.10 -13.21 -35.33
C TRP D 157 18.20 -11.81 -35.90
N TRP D 158 19.16 -11.62 -36.81
CA TRP D 158 19.39 -10.33 -37.45
C TRP D 158 19.50 -10.57 -38.94
N VAL D 159 18.89 -9.71 -39.71
CA VAL D 159 18.98 -9.78 -41.16
C VAL D 159 19.41 -8.39 -41.62
N ASN D 160 20.52 -8.35 -42.35
CA ASN D 160 21.16 -7.12 -42.77
C ASN D 160 21.35 -6.12 -41.63
N GLY D 161 21.66 -6.63 -40.44
CA GLY D 161 22.05 -5.79 -39.29
C GLY D 161 20.88 -5.22 -38.53
N LYS D 162 19.69 -5.76 -38.79
CA LYS D 162 18.51 -5.39 -38.04
C LYS D 162 17.87 -6.68 -37.55
N GLU D 163 17.49 -6.69 -36.27
CA GLU D 163 16.83 -7.84 -35.66
C GLU D 163 15.46 -8.09 -36.28
N VAL D 164 15.12 -9.37 -36.46
CA VAL D 164 13.82 -9.81 -36.97
C VAL D 164 13.07 -10.69 -35.93
N HIS D 165 11.76 -10.50 -35.80
CA HIS D 165 11.00 -11.32 -34.86
C HIS D 165 9.97 -12.15 -35.63
N SER D 166 9.39 -11.53 -36.66
CA SER D 166 8.45 -12.21 -37.53
C SER D 166 9.07 -13.45 -38.12
N GLY D 167 8.33 -14.55 -38.14
CA GLY D 167 8.82 -15.83 -38.62
C GLY D 167 9.87 -16.51 -37.75
N VAL D 168 9.99 -16.12 -36.49
CA VAL D 168 10.98 -16.71 -35.59
C VAL D 168 10.33 -17.50 -34.46
N CYS D 169 10.89 -18.66 -34.13
CA CYS D 169 10.54 -19.28 -32.85
C CYS D 169 11.72 -20.00 -32.20
N THR D 170 11.89 -19.75 -30.91
CA THR D 170 13.01 -20.28 -30.14
C THR D 170 12.49 -21.11 -28.98
N ASP D 171 13.11 -22.28 -28.79
CA ASP D 171 12.77 -23.18 -27.70
C ASP D 171 12.40 -22.42 -26.41
N PRO D 172 11.24 -22.75 -25.79
CA PRO D 172 10.90 -22.02 -24.55
C PRO D 172 12.02 -22.18 -23.53
N GLN D 173 12.66 -23.34 -23.56
CA GLN D 173 13.64 -23.77 -22.58
C GLN D 173 14.79 -24.50 -23.30
N PRO D 174 16.03 -24.32 -22.81
CA PRO D 174 17.14 -25.10 -23.36
C PRO D 174 17.02 -26.51 -22.89
N LEU D 175 17.65 -27.45 -23.58
CA LEU D 175 17.66 -28.82 -23.08
C LEU D 175 19.03 -29.20 -22.52
N LYS D 176 19.05 -30.17 -21.61
CA LYS D 176 20.29 -30.60 -20.98
C LYS D 176 20.98 -31.63 -21.85
N GLU D 177 22.26 -31.41 -22.16
CA GLU D 177 23.02 -32.28 -23.06
C GLU D 177 23.30 -33.64 -22.42
N GLN D 178 23.40 -33.66 -21.09
CA GLN D 178 23.64 -34.89 -20.36
C GLN D 178 22.88 -34.93 -19.01
N PRO D 179 21.55 -35.24 -19.07
CA PRO D 179 20.65 -35.23 -17.90
C PRO D 179 21.14 -36.02 -16.69
N ALA D 180 21.88 -37.11 -16.92
CA ALA D 180 22.45 -37.93 -15.84
C ALA D 180 23.50 -37.19 -14.98
N LEU D 181 23.89 -35.99 -15.40
CA LEU D 181 24.99 -35.27 -14.77
C LEU D 181 24.57 -33.98 -14.03
N ASN D 182 25.20 -33.76 -12.87
CA ASN D 182 24.95 -32.66 -11.96
C ASN D 182 24.92 -31.29 -12.64
N ASP D 183 26.08 -30.82 -13.10
CA ASP D 183 26.17 -29.51 -13.70
C ASP D 183 26.18 -29.59 -15.24
N SER D 184 25.20 -30.32 -15.79
CA SER D 184 25.11 -30.59 -17.23
C SER D 184 25.10 -29.32 -18.03
N ARG D 185 25.70 -29.39 -19.22
CA ARG D 185 25.63 -28.33 -20.20
C ARG D 185 24.29 -28.40 -20.95
N TYR D 186 23.99 -27.31 -21.67
CA TYR D 186 22.71 -27.06 -22.31
C TYR D 186 22.85 -26.83 -23.79
N SER D 187 21.79 -27.13 -24.53
CA SER D 187 21.68 -26.81 -25.95
C SER D 187 20.42 -26.00 -26.12
N LEU D 188 20.31 -25.23 -27.20
CA LEU D 188 19.10 -24.49 -27.48
C LEU D 188 19.01 -24.33 -29.00
N SER D 189 17.81 -24.48 -29.55
CA SER D 189 17.64 -24.38 -31.00
C SER D 189 16.71 -23.24 -31.34
N SER D 190 16.77 -22.79 -32.58
CA SER D 190 15.86 -21.73 -33.00
C SER D 190 15.63 -21.81 -34.48
N ARG D 191 14.53 -21.21 -34.92
CA ARG D 191 14.17 -21.26 -36.32
C ARG D 191 13.77 -19.88 -36.82
N LEU D 192 14.25 -19.55 -38.03
CA LEU D 192 13.79 -18.41 -38.82
C LEU D 192 13.37 -18.85 -40.22
N ARG D 193 12.08 -18.71 -40.52
CA ARG D 193 11.51 -19.09 -41.82
C ARG D 193 11.21 -17.83 -42.62
N VAL D 194 11.69 -17.79 -43.85
CA VAL D 194 11.40 -16.70 -44.78
C VAL D 194 10.84 -17.24 -46.10
N SER D 195 10.52 -16.33 -47.02
CA SER D 195 10.12 -16.75 -48.37
C SER D 195 11.36 -17.30 -49.08
N ALA D 196 11.16 -18.25 -49.99
CA ALA D 196 12.28 -18.80 -50.75
C ALA D 196 13.06 -17.69 -51.45
N THR D 197 12.36 -16.73 -52.05
CA THR D 197 13.08 -15.68 -52.77
C THR D 197 13.85 -14.73 -51.85
N PHE D 198 13.36 -14.53 -50.63
CA PHE D 198 14.16 -13.75 -49.67
C PHE D 198 15.48 -14.46 -49.40
N TRP D 199 15.40 -15.76 -49.12
CA TRP D 199 16.59 -16.59 -48.92
C TRP D 199 17.43 -16.68 -50.19
N GLN D 200 16.79 -16.66 -51.35
CA GLN D 200 17.51 -16.72 -52.62
C GLN D 200 18.31 -15.45 -52.95
N ASN D 201 18.06 -14.37 -52.22
CA ASN D 201 18.70 -13.08 -52.50
C ASN D 201 20.12 -12.98 -51.94
N PRO D 202 21.14 -13.10 -52.79
CA PRO D 202 22.53 -13.13 -52.32
C PRO D 202 23.01 -11.87 -51.57
N ARG D 203 22.12 -10.90 -51.34
CA ARG D 203 22.51 -9.66 -50.69
C ARG D 203 21.89 -9.52 -49.32
N ASN D 204 21.24 -10.59 -48.89
CA ASN D 204 20.70 -10.67 -47.55
C ASN D 204 21.62 -11.48 -46.65
N HIS D 205 22.19 -10.78 -45.68
CA HIS D 205 23.07 -11.38 -44.71
C HIS D 205 22.24 -11.82 -43.52
N PHE D 206 22.25 -13.12 -43.26
CA PHE D 206 21.56 -13.74 -42.12
C PHE D 206 22.57 -14.08 -41.03
N ARG D 207 22.14 -13.85 -39.80
CA ARG D 207 23.01 -14.13 -38.68
C ARG D 207 22.24 -14.56 -37.45
N CYS D 208 22.71 -15.62 -36.82
CA CYS D 208 22.14 -16.08 -35.57
C CYS D 208 23.00 -15.54 -34.45
N GLN D 209 22.42 -14.92 -33.46
CA GLN D 209 23.26 -14.35 -32.40
C GLN D 209 22.85 -14.81 -31.00
N VAL D 210 23.84 -15.24 -30.23
CA VAL D 210 23.60 -15.67 -28.85
C VAL D 210 24.40 -14.87 -27.85
N GLN D 211 23.69 -14.18 -26.97
CA GLN D 211 24.30 -13.42 -25.90
C GLN D 211 24.35 -14.35 -24.70
N PHE D 212 25.57 -14.72 -24.32
CA PHE D 212 25.81 -15.55 -23.16
C PHE D 212 26.18 -14.67 -21.96
N TYR D 213 25.81 -15.10 -20.77
CA TYR D 213 26.13 -14.37 -19.55
C TYR D 213 27.00 -15.24 -18.65
N GLY D 214 28.21 -14.77 -18.37
CA GLY D 214 29.12 -15.57 -17.59
C GLY D 214 29.83 -14.73 -16.57
N LEU D 215 31.12 -14.98 -16.46
CA LEU D 215 31.96 -14.25 -15.54
C LEU D 215 32.09 -12.82 -15.99
N SER D 216 32.65 -11.98 -15.12
CA SER D 216 33.01 -10.64 -15.51
C SER D 216 34.53 -10.54 -15.56
N GLU D 217 35.03 -9.57 -16.32
CA GLU D 217 36.49 -9.39 -16.44
C GLU D 217 37.18 -9.41 -15.06
N ASN D 218 36.40 -9.14 -14.01
CA ASN D 218 36.87 -9.05 -12.62
C ASN D 218 36.80 -10.34 -11.79
N ASP D 219 35.94 -11.28 -12.19
CA ASP D 219 35.79 -12.57 -11.51
C ASP D 219 37.12 -13.36 -11.60
N GLU D 220 37.47 -14.13 -10.57
CA GLU D 220 38.70 -14.93 -10.59
C GLU D 220 38.56 -16.20 -11.41
N TRP D 221 39.64 -16.63 -12.08
CA TRP D 221 39.58 -17.80 -12.98
C TRP D 221 40.82 -18.68 -12.95
N THR D 222 40.65 -19.87 -12.40
CA THR D 222 41.79 -20.69 -11.99
C THR D 222 42.07 -21.89 -12.91
N GLN D 223 41.37 -21.95 -14.03
CA GLN D 223 41.48 -23.07 -14.96
C GLN D 223 42.25 -22.72 -16.22
N ASP D 224 42.68 -23.75 -16.93
CA ASP D 224 43.51 -23.58 -18.11
C ASP D 224 42.74 -23.14 -19.33
N ARG D 225 41.43 -23.40 -19.40
CA ARG D 225 40.62 -22.94 -20.55
C ARG D 225 40.35 -21.42 -20.53
N ALA D 226 39.96 -20.87 -21.68
CA ALA D 226 39.62 -19.44 -21.79
C ALA D 226 38.48 -19.06 -20.83
N LYS D 227 38.69 -17.99 -20.09
CA LYS D 227 37.74 -17.45 -19.13
C LYS D 227 36.32 -17.22 -19.69
N PRO D 228 35.31 -17.97 -19.19
CA PRO D 228 33.95 -17.93 -19.72
C PRO D 228 33.20 -16.62 -19.44
N VAL D 229 33.70 -15.52 -20.00
CA VAL D 229 33.10 -14.19 -19.80
C VAL D 229 31.77 -14.06 -20.53
N THR D 230 30.96 -13.15 -20.02
CA THR D 230 29.81 -12.65 -20.75
C THR D 230 30.31 -12.16 -22.11
N GLN D 231 29.81 -12.77 -23.18
CA GLN D 231 30.25 -12.51 -24.54
C GLN D 231 29.15 -12.89 -25.48
N ILE D 232 29.29 -12.48 -26.73
CA ILE D 232 28.41 -12.87 -27.81
C ILE D 232 29.15 -13.87 -28.72
N VAL D 233 28.48 -14.98 -29.01
CA VAL D 233 28.91 -15.90 -30.03
C VAL D 233 27.81 -15.92 -31.07
N SER D 234 28.20 -16.02 -32.34
CA SER D 234 27.25 -15.93 -33.45
C SER D 234 27.66 -16.65 -34.74
N ALA D 235 26.67 -16.94 -35.56
CA ALA D 235 26.90 -17.62 -36.84
C ALA D 235 26.05 -16.97 -37.90
N GLU D 236 26.53 -17.07 -39.13
CA GLU D 236 26.17 -16.12 -40.13
C GLU D 236 26.22 -16.80 -41.50
N ALA D 237 25.29 -16.45 -42.39
CA ALA D 237 25.35 -16.85 -43.82
C ALA D 237 24.63 -15.87 -44.74
N TRP D 238 25.02 -15.87 -46.01
CA TRP D 238 24.39 -15.05 -47.03
C TRP D 238 23.40 -15.87 -47.83
N GLY D 239 22.30 -15.25 -48.24
CA GLY D 239 21.34 -15.96 -49.07
C GLY D 239 22.01 -16.27 -50.38
N ARG D 240 21.46 -17.22 -51.15
CA ARG D 240 22.01 -17.60 -52.47
C ARG D 240 20.92 -18.14 -53.41
N ALA D 241 21.21 -18.09 -54.71
CA ALA D 241 20.28 -18.55 -55.75
C ALA D 241 20.51 -20.02 -56.11
C1 NAG E . -3.89 0.82 19.00
C2 NAG E . -2.80 -0.09 19.56
C3 NAG E . -2.04 -0.82 18.46
C4 NAG E . -3.01 -1.58 17.55
C5 NAG E . -4.09 -0.62 17.06
C6 NAG E . -5.20 -1.32 16.27
C7 NAG E . -1.65 0.68 21.58
C8 NAG E . -0.55 1.56 22.05
N2 NAG E . -1.81 0.67 20.26
O3 NAG E . -1.13 -1.70 19.08
O4 NAG E . -2.29 -2.18 16.48
O5 NAG E . -4.71 0.02 18.17
O6 NAG E . -6.29 -1.59 17.11
O7 NAG E . -2.33 0.03 22.37
C1 NAG E . -2.34 -3.63 16.57
C2 NAG E . -1.87 -4.23 15.25
C3 NAG E . -1.72 -5.75 15.31
C4 NAG E . -0.98 -6.19 16.58
C5 NAG E . -1.75 -5.58 17.76
C6 NAG E . -1.32 -6.06 19.15
C7 NAG E . -2.78 -2.92 13.40
C8 NAG E . -1.52 -2.09 13.41
N2 NAG E . -2.88 -3.92 14.27
O3 NAG E . -1.01 -6.18 14.17
O4 NAG E . -0.86 -7.61 16.58
O5 NAG E . -1.61 -4.17 17.66
O6 NAG E . -0.28 -5.27 19.66
O7 NAG E . -3.70 -2.68 12.60
C1 NAG F . -19.17 19.82 -1.16
C2 NAG F . -19.22 19.67 -2.68
C3 NAG F . -18.13 20.51 -3.34
C4 NAG F . -18.17 21.99 -2.93
C5 NAG F . -18.17 22.06 -1.41
C6 NAG F . -18.39 23.50 -0.89
C7 NAG F . -20.04 17.29 -3.03
C8 NAG F . -19.63 15.94 -3.54
N2 NAG F . -19.10 18.26 -3.10
O3 NAG F . -18.23 20.41 -4.74
O4 NAG F . -16.98 22.63 -3.35
O5 NAG F . -19.12 21.19 -0.79
O6 NAG F . -18.68 23.49 0.50
O7 NAG F . -21.18 17.43 -2.58
C1 NAG F . -17.09 23.44 -4.54
C2 NAG F . -16.07 24.58 -4.49
C3 NAG F . -15.92 25.32 -5.85
C4 NAG F . -15.99 24.40 -7.08
C5 NAG F . -17.13 23.38 -6.89
C6 NAG F . -17.32 22.38 -8.03
C7 NAG F . -15.70 25.98 -2.45
C8 NAG F . -16.41 26.96 -1.55
N2 NAG F . -16.46 25.53 -3.46
O3 NAG F . -14.67 25.97 -5.87
O4 NAG F . -16.11 25.17 -8.27
O5 NAG F . -16.87 22.66 -5.71
O6 NAG F . -17.18 21.06 -7.55
O7 NAG F . -14.52 25.65 -2.23
C1 FUC F . -17.58 23.90 1.37
C2 FUC F . -18.08 24.43 2.72
C3 FUC F . -18.62 23.27 3.59
C4 FUC F . -17.51 22.22 3.81
C5 FUC F . -17.04 21.78 2.41
C6 FUC F . -15.91 20.77 2.45
O2 FUC F . -19.01 25.49 2.50
O3 FUC F . -19.21 23.66 4.82
O4 FUC F . -16.44 22.69 4.62
O5 FUC F . -16.62 22.89 1.62
C17 GSL G . 4.82 14.17 8.80
C16 GSL G . 3.46 14.26 8.04
C15 GSL G . 2.48 15.21 8.73
C14 GSL G . 1.13 15.17 8.03
C13 GSL G . 0.18 16.24 8.58
C12 GSL G . -1.02 16.45 7.64
C11 GSL G . -2.19 15.60 8.12
C10 GSL G . -3.48 15.79 7.33
C9 GSL G . -4.19 14.47 7.35
C8 GSL G . -5.62 14.51 6.85
C7 GSL G . -6.29 13.12 7.01
C6 GSL G . -5.62 12.02 6.11
C5 GSL G . -6.44 10.72 6.17
C4 GSL G . -6.29 9.86 4.92
C3 GSL G . -7.28 8.68 5.02
C2 GSL G . -7.13 7.68 3.89
O GSL G . -5.92 7.02 4.09
C1 GSL G . -8.21 6.62 3.96
C GSL G . -7.89 5.39 3.08
O1 GSL G . -8.09 5.68 1.71
C29 GSL G . -8.11 4.54 0.87
O3 GSL G . -9.40 3.93 0.93
C28 GSL G . -10.59 4.73 0.74
C34 GSL G . -11.88 3.90 0.96
O7 GSL G . -11.76 2.70 1.19
O6 GSL G . -13.01 4.46 0.89
C33 GSL G . -10.51 5.22 -0.70
O5 GSL G . -10.69 4.09 -1.54
C32 GSL G . -9.16 5.85 -0.96
O4 GSL G . -9.09 6.17 -2.35
C30 GSL G . -7.98 4.96 -0.58
O31 GSL G . -6.78 5.70 -0.77
N GSL G . -9.47 7.22 3.55
C18 GSL G . -10.63 6.84 4.03
O2 GSL G . -10.80 5.90 4.83
C19 GSL G . -11.82 7.60 3.46
C20 GSL G . -12.57 8.46 4.47
C21 GSL G . -11.76 9.66 4.94
C22 GSL G . -12.30 10.01 6.32
C23 GSL G . -11.53 11.16 6.93
C24 GSL G . -12.53 12.21 7.44
C25 GSL G . -12.96 11.99 8.91
C26 GSL G . -13.71 13.23 9.47
C27 GSL G . -15.15 13.46 8.90
C38 GSL G . -16.21 13.18 10.00
C37 GSL G . -17.58 13.81 9.72
C36 GSL G . -18.68 13.08 10.51
C35 GSL G . -19.89 12.61 9.68
C1 NAG H . 8.10 3.17 20.88
C2 NAG H . 9.19 2.28 21.50
C3 NAG H . 8.86 1.68 22.86
C4 NAG H . 8.29 2.75 23.79
C5 NAG H . 7.04 3.36 23.14
C6 NAG H . 6.37 4.42 24.03
C7 NAG H . 10.58 1.14 19.86
C8 NAG H . 10.72 -0.09 19.00
N2 NAG H . 9.48 1.18 20.60
O3 NAG H . 10.03 1.08 23.40
O4 NAG H . 8.03 2.19 25.07
O5 NAG H . 7.29 3.89 21.84
O6 NAG H . 7.14 5.60 24.16
O7 NAG H . 11.45 2.02 19.86
#